data_2VPQ
#
_entry.id   2VPQ
#
_cell.length_a   78.247
_cell.length_b   63.318
_cell.length_c   105.142
_cell.angle_alpha   90.00
_cell.angle_beta   103.82
_cell.angle_gamma   90.00
#
_symmetry.space_group_name_H-M   'P 1 21 1'
#
loop_
_entity.id
_entity.type
_entity.pdbx_description
1 polymer 'ACETYL-COA CARBOXYLASE'
2 non-polymer 'PHOSPHOAMINOPHOSPHONIC ACID-ADENYLATE ESTER'
3 non-polymer 'MAGNESIUM ION'
4 non-polymer 'CHLORIDE ION'
5 water water
#
_entity_poly.entity_id   1
_entity_poly.type   'polypeptide(L)'
_entity_poly.pdbx_seq_one_letter_code
;MKKVLIANRGEIAVRIIRACRDLGIQTVAIYSEGDKDALHTQIADEAYCVGPTLSKDSYLNIPNILSIATSTGCDGVHPG
YGFLAENADFAELCEACQLKFIGPSYQSIQKMGIKDVAKAEMIKANVPVVPGSDGLMKDVSEAKKIAKKIGYPVIIKATA
GGGGKGIRVARDEKELETGFRMTEQEAQTAFGNGGLYMEKFIENFRHIEIQIVGDSYGNVIHLGERDCTIQRRMQKLVEE
APSPILDDETRREMGNAAVRAAKAVNYENAGTIEFIYDLNDNKFYFMEMNTRIQVEHPVTEMVTGIDLVKLQLQVAMGDV
LPYKQEDIKLTGHAIEFRINAENPYKNFMPSPGKIEQYLAPGGYGVRIESACYTNYTIPPYYDSMVAKLIIHEPTRDEAI
MAGIRALSEFVVLGIDTTIPFHIKLLNNDIFRSGKFNTNFLEQNSIMNDEG
;
_entity_poly.pdbx_strand_id   A,B
#
loop_
_chem_comp.id
_chem_comp.type
_chem_comp.name
_chem_comp.formula
ANP non-polymer 'PHOSPHOAMINOPHOSPHONIC ACID-ADENYLATE ESTER' 'C10 H17 N6 O12 P3'
CL non-polymer 'CHLORIDE ION' 'Cl -1'
MG non-polymer 'MAGNESIUM ION' 'Mg 2'
#
# COMPACT_ATOMS: atom_id res chain seq x y z
N LYS A 2 16.97 2.03 -21.04
CA LYS A 2 16.71 3.46 -21.36
C LYS A 2 15.27 3.65 -21.84
N LYS A 3 14.83 2.83 -22.81
CA LYS A 3 13.44 2.94 -23.31
C LYS A 3 12.81 1.58 -23.56
N VAL A 4 11.59 1.39 -23.01
CA VAL A 4 10.88 0.10 -23.10
C VAL A 4 9.47 0.28 -23.70
N LEU A 5 9.16 -0.60 -24.65
CA LEU A 5 7.83 -0.70 -25.23
C LEU A 5 7.06 -1.71 -24.39
N ILE A 6 5.84 -1.33 -23.99
CA ILE A 6 4.98 -2.22 -23.21
C ILE A 6 3.98 -2.85 -24.17
N ALA A 7 4.17 -4.14 -24.44
CA ALA A 7 3.36 -4.85 -25.40
C ALA A 7 2.18 -5.49 -24.68
N ASN A 8 1.35 -4.64 -24.09
CA ASN A 8 0.15 -5.08 -23.41
C ASN A 8 -0.81 -3.91 -23.25
N ARG A 9 -1.88 -4.16 -22.51
CA ARG A 9 -2.90 -3.17 -22.25
C ARG A 9 -3.35 -3.29 -20.79
N GLY A 10 -4.36 -2.52 -20.40
CA GLY A 10 -5.00 -2.72 -19.12
C GLY A 10 -4.13 -2.45 -17.91
N GLU A 11 -4.28 -3.28 -16.88
CA GLU A 11 -3.68 -2.99 -15.58
C GLU A 11 -2.23 -3.42 -15.56
N ILE A 12 -1.88 -4.44 -16.34
CA ILE A 12 -0.49 -4.83 -16.42
C ILE A 12 0.37 -3.81 -17.17
N ALA A 13 -0.22 -3.07 -18.11
CA ALA A 13 0.51 -2.04 -18.85
C ALA A 13 0.84 -0.90 -17.91
N VAL A 14 -0.18 -0.42 -17.19
CA VAL A 14 -0.02 0.53 -16.11
C VAL A 14 1.05 0.07 -15.10
N ARG A 15 0.99 -1.19 -14.67
CA ARG A 15 1.95 -1.77 -13.71
C ARG A 15 3.41 -1.73 -14.18
N ILE A 16 3.65 -2.15 -15.42
CA ILE A 16 4.99 -2.17 -16.02
C ILE A 16 5.50 -0.74 -16.23
N ILE A 17 4.62 0.14 -16.71
CA ILE A 17 4.97 1.55 -16.84
C ILE A 17 5.47 2.14 -15.52
N ARG A 18 4.80 1.84 -14.42
CA ARG A 18 5.20 2.31 -13.10
C ARG A 18 6.59 1.81 -12.72
N ALA A 19 6.84 0.54 -13.01
CA ALA A 19 8.15 -0.08 -12.77
C ALA A 19 9.27 0.59 -13.60
N CYS A 20 8.98 0.98 -14.83
CA CYS A 20 9.98 1.64 -15.66
C CYS A 20 10.37 3.00 -15.05
N ARG A 21 9.37 3.82 -14.74
CA ARG A 21 9.60 5.15 -14.12
C ARG A 21 10.39 5.13 -12.79
N ASP A 22 10.24 4.06 -12.03
CA ASP A 22 10.99 3.85 -10.78
C ASP A 22 12.49 3.65 -11.08
N LEU A 23 12.79 3.16 -12.29
CA LEU A 23 14.17 2.94 -12.76
C LEU A 23 14.62 4.01 -13.76
N GLY A 24 13.83 5.06 -13.93
CA GLY A 24 14.11 6.11 -14.90
C GLY A 24 14.10 5.67 -16.36
N ILE A 25 13.32 4.64 -16.68
CA ILE A 25 13.23 4.10 -18.04
C ILE A 25 12.05 4.74 -18.78
N GLN A 26 12.29 5.11 -20.02
CA GLN A 26 11.28 5.71 -20.88
C GLN A 26 10.32 4.64 -21.36
N THR A 27 9.07 5.05 -21.61
CA THR A 27 7.98 4.13 -21.86
C THR A 27 7.19 4.47 -23.15
N VAL A 28 6.98 3.43 -23.96
CA VAL A 28 6.15 3.51 -25.15
C VAL A 28 4.96 2.58 -24.96
N ALA A 29 3.78 3.16 -24.91
CA ALA A 29 2.56 2.41 -24.84
C ALA A 29 2.06 2.12 -26.26
N ILE A 30 1.42 0.97 -26.44
CA ILE A 30 0.65 0.68 -27.65
C ILE A 30 -0.82 0.53 -27.28
N TYR A 31 -1.71 0.84 -28.23
CA TYR A 31 -3.15 0.62 -28.03
C TYR A 31 -3.84 0.21 -29.32
N SER A 32 -4.91 -0.59 -29.19
CA SER A 32 -5.82 -0.85 -30.31
C SER A 32 -6.83 0.29 -30.46
N GLU A 33 -7.58 0.29 -31.56
CA GLU A 33 -8.63 1.30 -31.78
C GLU A 33 -9.64 1.35 -30.64
N GLY A 34 -9.95 0.18 -30.06
CA GLY A 34 -10.86 0.08 -28.92
C GLY A 34 -10.33 0.66 -27.62
N ASP A 35 -9.00 0.65 -27.45
CA ASP A 35 -8.36 1.08 -26.20
C ASP A 35 -7.87 2.54 -26.21
N LYS A 36 -8.52 3.35 -27.02
CA LYS A 36 -8.12 4.74 -27.20
C LYS A 36 -8.08 5.50 -25.87
N ASP A 37 -9.03 5.23 -24.97
CA ASP A 37 -9.13 5.90 -23.66
C ASP A 37 -8.38 5.20 -22.51
N ALA A 38 -7.62 4.14 -22.81
CA ALA A 38 -6.92 3.39 -21.78
C ALA A 38 -5.96 4.25 -20.97
N LEU A 39 -5.92 4.03 -19.65
CA LEU A 39 -5.07 4.81 -18.74
C LEU A 39 -3.58 4.72 -19.06
N HIS A 40 -3.13 3.52 -19.45
CA HIS A 40 -1.71 3.28 -19.69
C HIS A 40 -1.17 4.13 -20.84
N THR A 41 -2.03 4.44 -21.81
CA THR A 41 -1.65 5.32 -22.91
C THR A 41 -1.44 6.77 -22.45
N GLN A 42 -2.12 7.14 -21.35
CA GLN A 42 -2.00 8.47 -20.77
C GLN A 42 -0.75 8.59 -19.89
N ILE A 43 -0.41 7.54 -19.17
CA ILE A 43 0.71 7.61 -18.23
C ILE A 43 2.05 7.21 -18.88
N ALA A 44 1.99 6.60 -20.06
CA ALA A 44 3.19 6.35 -20.86
C ALA A 44 3.77 7.67 -21.40
N ASP A 45 5.07 7.67 -21.68
CA ASP A 45 5.74 8.88 -22.19
C ASP A 45 5.30 9.16 -23.62
N GLU A 46 5.04 8.09 -24.37
CA GLU A 46 4.41 8.17 -25.69
C GLU A 46 3.53 6.96 -25.94
N ALA A 47 2.48 7.15 -26.75
CA ALA A 47 1.51 6.11 -27.08
C ALA A 47 1.30 5.99 -28.60
N TYR A 48 1.10 4.76 -29.09
CA TYR A 48 0.97 4.50 -30.54
C TYR A 48 -0.12 3.49 -30.84
N CYS A 49 -0.97 3.80 -31.81
CA CYS A 49 -2.01 2.88 -32.24
C CYS A 49 -1.36 1.74 -33.01
N VAL A 50 -1.69 0.50 -32.63
CA VAL A 50 -1.05 -0.69 -33.19
C VAL A 50 -1.97 -1.51 -34.12
N GLY A 51 -3.23 -1.09 -34.25
CA GLY A 51 -4.19 -1.77 -35.11
C GLY A 51 -5.59 -1.85 -34.53
N PRO A 52 -6.50 -2.50 -35.25
CA PRO A 52 -7.89 -2.49 -34.84
C PRO A 52 -8.17 -3.34 -33.58
N THR A 53 -9.41 -3.33 -33.12
CA THR A 53 -9.76 -3.85 -31.80
C THR A 53 -9.39 -5.30 -31.54
N LEU A 54 -9.73 -6.22 -32.45
CA LEU A 54 -9.42 -7.62 -32.21
C LEU A 54 -7.92 -7.81 -31.99
N SER A 55 -7.58 -8.58 -30.96
CA SER A 55 -6.21 -8.82 -30.56
C SER A 55 -5.30 -9.33 -31.69
N LYS A 56 -5.87 -10.09 -32.63
CA LYS A 56 -5.07 -10.66 -33.73
C LYS A 56 -4.41 -9.61 -34.62
N ASP A 57 -5.04 -8.45 -34.75
CA ASP A 57 -4.56 -7.36 -35.59
C ASP A 57 -3.94 -6.20 -34.79
N SER A 58 -4.01 -6.26 -33.46
CA SER A 58 -3.44 -5.22 -32.59
C SER A 58 -2.34 -5.75 -31.66
N TYR A 59 -2.75 -6.31 -30.51
CA TYR A 59 -1.79 -6.72 -29.48
C TYR A 59 -0.96 -7.97 -29.83
N LEU A 60 -1.39 -8.72 -30.84
CA LEU A 60 -0.64 -9.88 -31.35
C LEU A 60 -0.02 -9.60 -32.73
N ASN A 61 -0.22 -8.39 -33.24
CA ASN A 61 0.39 -7.90 -34.47
C ASN A 61 1.87 -7.64 -34.26
N ILE A 62 2.66 -8.70 -34.39
CA ILE A 62 4.11 -8.68 -34.14
C ILE A 62 4.88 -7.71 -35.03
N PRO A 63 4.68 -7.76 -36.37
CA PRO A 63 5.44 -6.84 -37.23
C PRO A 63 5.28 -5.37 -36.81
N ASN A 64 4.09 -5.00 -36.40
CA ASN A 64 3.76 -3.64 -36.01
C ASN A 64 4.36 -3.27 -34.66
N ILE A 65 4.33 -4.21 -33.72
CA ILE A 65 4.95 -4.00 -32.41
C ILE A 65 6.48 -3.87 -32.58
N LEU A 66 7.08 -4.77 -33.34
CA LEU A 66 8.53 -4.69 -33.61
C LEU A 66 8.88 -3.41 -34.37
N SER A 67 8.11 -3.11 -35.42
CA SER A 67 8.23 -1.84 -36.13
C SER A 67 8.19 -0.61 -35.21
N ILE A 68 7.15 -0.49 -34.39
CA ILE A 68 7.05 0.64 -33.46
C ILE A 68 8.25 0.68 -32.50
N ALA A 69 8.59 -0.48 -31.94
CA ALA A 69 9.70 -0.59 -31.00
C ALA A 69 11.02 -0.03 -31.55
N THR A 70 11.37 -0.41 -32.78
CA THR A 70 12.63 0.05 -33.41
C THR A 70 12.54 1.51 -33.84
N SER A 71 11.42 1.86 -34.44
CA SER A 71 11.11 3.22 -34.88
C SER A 71 11.30 4.27 -33.78
N THR A 72 10.87 3.94 -32.57
CA THR A 72 10.93 4.89 -31.46
C THR A 72 12.22 4.76 -30.65
N GLY A 73 13.06 3.79 -30.97
CA GLY A 73 14.36 3.61 -30.32
C GLY A 73 14.35 2.89 -28.98
N CYS A 74 13.45 1.89 -28.84
CA CYS A 74 13.42 1.07 -27.63
C CYS A 74 14.59 0.09 -27.54
N ASP A 75 15.02 -0.17 -26.31
CA ASP A 75 16.06 -1.16 -26.02
C ASP A 75 15.43 -2.51 -25.66
N GLY A 76 14.15 -2.50 -25.30
CA GLY A 76 13.47 -3.73 -24.91
C GLY A 76 11.98 -3.68 -25.04
N VAL A 77 11.38 -4.85 -24.82
CA VAL A 77 9.94 -5.05 -24.92
C VAL A 77 9.46 -5.90 -23.76
N HIS A 78 8.50 -5.38 -22.99
CA HIS A 78 7.87 -6.14 -21.92
C HIS A 78 6.49 -6.62 -22.38
N PRO A 79 6.30 -7.95 -22.43
CA PRO A 79 5.07 -8.56 -22.89
C PRO A 79 3.93 -8.66 -21.84
N GLY A 80 4.25 -8.45 -20.57
CA GLY A 80 3.28 -8.57 -19.49
C GLY A 80 2.86 -10.01 -19.31
N TYR A 81 1.55 -10.22 -19.15
CA TYR A 81 0.98 -11.57 -19.19
C TYR A 81 -0.02 -11.60 -20.34
N GLY A 82 -0.26 -12.79 -20.86
CA GLY A 82 -1.15 -12.96 -22.00
C GLY A 82 -0.51 -12.44 -23.28
N PHE A 83 -1.30 -12.47 -24.35
CA PHE A 83 -0.88 -11.98 -25.64
C PHE A 83 0.42 -12.64 -26.13
N LEU A 84 1.57 -11.99 -26.01
CA LEU A 84 2.81 -12.52 -26.60
C LEU A 84 3.86 -12.97 -25.59
N ALA A 85 3.46 -13.08 -24.32
CA ALA A 85 4.38 -13.36 -23.20
C ALA A 85 4.98 -14.75 -23.22
N GLU A 86 4.21 -15.73 -23.70
CA GLU A 86 4.67 -17.11 -23.84
C GLU A 86 4.85 -17.49 -25.31
N ASN A 87 5.00 -16.48 -26.17
CA ASN A 87 5.23 -16.70 -27.61
C ASN A 87 6.72 -16.72 -27.89
N ALA A 88 7.25 -17.92 -28.10
CA ALA A 88 8.70 -18.14 -28.30
C ALA A 88 9.23 -17.49 -29.58
N ASP A 89 8.36 -17.42 -30.59
CA ASP A 89 8.72 -16.86 -31.88
C ASP A 89 8.85 -15.35 -31.82
N PHE A 90 7.94 -14.69 -31.13
CA PHE A 90 8.07 -13.26 -30.88
C PHE A 90 9.34 -12.93 -30.09
N ALA A 91 9.57 -13.66 -29.00
CA ALA A 91 10.83 -13.60 -28.25
C ALA A 91 12.11 -13.74 -29.10
N GLU A 92 12.12 -14.70 -30.02
CA GLU A 92 13.24 -14.90 -30.95
C GLU A 92 13.39 -13.73 -31.91
N LEU A 93 12.26 -13.22 -32.43
CA LEU A 93 12.29 -12.08 -33.36
C LEU A 93 12.80 -10.78 -32.73
N CYS A 94 12.44 -10.54 -31.46
CA CYS A 94 12.97 -9.41 -30.68
C CYS A 94 14.49 -9.45 -30.66
N GLU A 95 15.02 -10.58 -30.19
CA GLU A 95 16.46 -10.81 -30.13
C GLU A 95 17.12 -10.47 -31.48
N ALA A 96 16.50 -10.92 -32.57
CA ALA A 96 17.00 -10.68 -33.94
C ALA A 96 16.86 -9.22 -34.40
N CYS A 97 16.17 -8.40 -33.62
CA CYS A 97 15.98 -6.96 -33.87
C CYS A 97 16.87 -6.10 -32.98
N GLN A 98 17.73 -6.73 -32.19
CA GLN A 98 18.50 -6.02 -31.17
C GLN A 98 17.57 -5.42 -30.10
N LEU A 99 16.43 -6.07 -29.87
CA LEU A 99 15.49 -5.67 -28.83
C LEU A 99 15.52 -6.74 -27.73
N LYS A 100 15.78 -6.30 -26.51
CA LYS A 100 15.77 -7.19 -25.35
C LYS A 100 14.32 -7.52 -24.97
N PHE A 101 13.95 -8.79 -25.15
CA PHE A 101 12.70 -9.33 -24.63
C PHE A 101 12.86 -9.38 -23.12
N ILE A 102 12.03 -8.60 -22.40
CA ILE A 102 12.08 -8.55 -20.94
C ILE A 102 11.37 -9.80 -20.43
N GLY A 103 12.15 -10.87 -20.28
CA GLY A 103 11.62 -12.18 -19.97
C GLY A 103 12.68 -13.23 -20.19
N PRO A 104 12.29 -14.51 -20.13
CA PRO A 104 13.25 -15.59 -20.40
C PRO A 104 13.58 -15.77 -21.89
N SER A 105 14.57 -16.60 -22.18
CA SER A 105 14.98 -16.85 -23.56
C SER A 105 13.90 -17.57 -24.34
N TYR A 106 14.03 -17.55 -25.66
CA TYR A 106 13.08 -18.24 -26.51
C TYR A 106 13.25 -19.77 -26.32
N GLN A 107 14.49 -20.20 -26.16
CA GLN A 107 14.78 -21.61 -25.92
C GLN A 107 14.03 -22.04 -24.66
N SER A 108 14.11 -21.22 -23.61
CA SER A 108 13.37 -21.42 -22.36
C SER A 108 11.84 -21.43 -22.55
N ILE A 109 11.32 -20.46 -23.30
CA ILE A 109 9.89 -20.41 -23.62
C ILE A 109 9.43 -21.64 -24.41
N GLN A 110 10.27 -22.12 -25.33
CA GLN A 110 10.00 -23.35 -26.12
C GLN A 110 9.92 -24.60 -25.26
N LYS A 111 10.93 -24.78 -24.41
CA LYS A 111 11.03 -25.96 -23.56
C LYS A 111 9.84 -26.10 -22.58
N MET A 112 9.52 -25.01 -21.88
CA MET A 112 8.42 -25.01 -20.89
C MET A 112 7.06 -24.74 -21.53
N GLY A 113 7.04 -24.35 -22.81
CA GLY A 113 5.80 -23.99 -23.50
C GLY A 113 5.13 -25.12 -24.26
N ILE A 114 5.86 -26.20 -24.46
CA ILE A 114 5.28 -27.44 -24.95
C ILE A 114 5.14 -28.32 -23.73
N LYS A 115 3.96 -28.31 -23.13
CA LYS A 115 3.79 -28.78 -21.75
C LYS A 115 4.15 -30.25 -21.54
N ASP A 116 4.03 -31.08 -22.58
CA ASP A 116 4.45 -32.47 -22.48
C ASP A 116 5.99 -32.60 -22.42
N VAL A 117 6.69 -31.75 -23.19
CA VAL A 117 8.16 -31.67 -23.14
C VAL A 117 8.63 -31.10 -21.80
N ALA A 118 7.93 -30.07 -21.32
CA ALA A 118 8.20 -29.49 -20.00
C ALA A 118 8.26 -30.60 -18.94
N LYS A 119 7.24 -31.44 -18.91
CA LYS A 119 7.14 -32.56 -17.98
C LYS A 119 8.34 -33.50 -18.05
N ALA A 120 8.69 -33.92 -19.27
CA ALA A 120 9.86 -34.79 -19.46
C ALA A 120 11.14 -34.11 -18.97
N GLU A 121 11.24 -32.80 -19.15
CA GLU A 121 12.40 -32.04 -18.64
C GLU A 121 12.47 -32.05 -17.11
N MET A 122 11.30 -31.98 -16.46
CA MET A 122 11.20 -32.00 -14.99
C MET A 122 11.56 -33.37 -14.40
N ILE A 123 11.11 -34.45 -15.02
CA ILE A 123 11.51 -35.79 -14.60
C ILE A 123 13.04 -35.94 -14.62
N LYS A 124 13.68 -35.31 -15.61
CA LYS A 124 15.13 -35.34 -15.73
C LYS A 124 15.86 -34.37 -14.78
N ALA A 125 15.15 -33.34 -14.30
CA ALA A 125 15.65 -32.47 -13.23
C ALA A 125 15.20 -32.93 -11.83
N ASN A 126 14.80 -34.19 -11.71
CA ASN A 126 14.29 -34.79 -10.47
C ASN A 126 13.20 -33.97 -9.78
N VAL A 127 12.22 -33.54 -10.55
CA VAL A 127 11.05 -32.83 -10.05
C VAL A 127 9.85 -33.74 -10.25
N PRO A 128 9.02 -33.94 -9.21
CA PRO A 128 7.87 -34.84 -9.41
C PRO A 128 6.83 -34.22 -10.32
N VAL A 129 6.21 -35.06 -11.14
CA VAL A 129 5.19 -34.62 -12.10
C VAL A 129 3.99 -35.56 -11.94
N VAL A 130 2.83 -35.10 -12.38
CA VAL A 130 1.61 -35.90 -12.29
C VAL A 130 1.75 -37.13 -13.19
N PRO A 131 1.42 -38.33 -12.67
CA PRO A 131 1.45 -39.55 -13.50
C PRO A 131 0.62 -39.37 -14.77
N GLY A 132 1.13 -39.85 -15.89
CA GLY A 132 0.51 -39.58 -17.17
C GLY A 132 1.20 -40.24 -18.33
N SER A 133 0.86 -39.78 -19.53
CA SER A 133 1.41 -40.32 -20.77
C SER A 133 2.84 -39.84 -20.97
N ASP A 134 3.60 -40.60 -21.74
CA ASP A 134 4.93 -40.17 -22.16
C ASP A 134 4.84 -39.38 -23.47
N GLY A 135 4.61 -38.09 -23.34
CA GLY A 135 4.49 -37.22 -24.50
C GLY A 135 3.07 -37.21 -25.03
N LEU A 136 2.94 -36.94 -26.32
CA LEU A 136 1.62 -36.78 -26.91
C LEU A 136 1.04 -38.13 -27.27
N MET A 137 -0.29 -38.22 -27.26
CA MET A 137 -0.97 -39.38 -27.80
C MET A 137 -1.31 -39.06 -29.25
N LYS A 138 -1.03 -40.00 -30.16
CA LYS A 138 -1.35 -39.81 -31.57
C LYS A 138 -2.80 -40.16 -31.86
N ASP A 139 -3.36 -41.06 -31.06
CA ASP A 139 -4.68 -41.65 -31.29
C ASP A 139 -5.53 -41.66 -30.03
N VAL A 140 -6.86 -41.64 -30.22
CA VAL A 140 -7.79 -42.04 -29.15
C VAL A 140 -7.42 -43.45 -28.66
N SER A 141 -7.06 -44.31 -29.60
CA SER A 141 -6.64 -45.68 -29.30
C SER A 141 -5.59 -45.77 -28.18
N GLU A 142 -4.50 -45.02 -28.30
CA GLU A 142 -3.49 -45.03 -27.22
C GLU A 142 -3.88 -44.12 -26.04
N ALA A 143 -4.80 -43.18 -26.27
CA ALA A 143 -5.40 -42.41 -25.20
C ALA A 143 -6.21 -43.36 -24.31
N LYS A 144 -6.98 -44.24 -24.95
CA LYS A 144 -7.71 -45.30 -24.22
C LYS A 144 -6.78 -46.29 -23.52
N LYS A 145 -5.69 -46.66 -24.20
CA LYS A 145 -4.67 -47.53 -23.61
C LYS A 145 -4.01 -46.89 -22.38
N ILE A 146 -3.57 -45.64 -22.51
CA ILE A 146 -2.92 -44.94 -21.40
C ILE A 146 -3.87 -44.76 -20.22
N ALA A 147 -5.09 -44.33 -20.51
CA ALA A 147 -6.10 -44.06 -19.49
C ALA A 147 -6.46 -45.28 -18.65
N LYS A 148 -6.44 -46.46 -19.26
CA LYS A 148 -6.66 -47.71 -18.51
C LYS A 148 -5.42 -48.08 -17.67
N LYS A 149 -4.24 -47.69 -18.15
CA LYS A 149 -2.99 -47.86 -17.40
C LYS A 149 -2.92 -46.92 -16.18
N ILE A 150 -3.25 -45.65 -16.38
CA ILE A 150 -3.24 -44.65 -15.31
C ILE A 150 -4.43 -44.82 -14.36
N GLY A 151 -5.59 -45.14 -14.92
CA GLY A 151 -6.85 -45.23 -14.16
C GLY A 151 -7.65 -43.95 -14.24
N TYR A 152 -8.95 -44.07 -14.53
CA TYR A 152 -9.85 -42.91 -14.53
C TYR A 152 -10.12 -42.42 -13.12
N PRO A 153 -10.37 -41.10 -12.93
CA PRO A 153 -10.54 -40.09 -13.97
C PRO A 153 -9.21 -39.59 -14.56
N VAL A 154 -9.24 -39.26 -15.85
CA VAL A 154 -8.08 -38.72 -16.54
C VAL A 154 -8.38 -37.30 -17.02
N ILE A 155 -7.34 -36.54 -17.33
CA ILE A 155 -7.50 -35.20 -17.90
C ILE A 155 -6.64 -35.10 -19.17
N ILE A 156 -7.27 -34.71 -20.27
CA ILE A 156 -6.57 -34.55 -21.54
C ILE A 156 -6.26 -33.06 -21.73
N LYS A 157 -4.99 -32.74 -22.00
CA LYS A 157 -4.53 -31.36 -22.06
C LYS A 157 -3.74 -31.07 -23.34
N ALA A 158 -3.96 -29.87 -23.88
CA ALA A 158 -3.20 -29.35 -25.00
C ALA A 158 -1.77 -29.06 -24.57
N THR A 159 -0.79 -29.57 -25.33
CA THR A 159 0.62 -29.32 -25.05
C THR A 159 0.99 -27.86 -25.33
N ALA A 160 0.37 -27.27 -26.33
CA ALA A 160 0.58 -25.84 -26.66
C ALA A 160 -0.34 -24.90 -25.89
N GLY A 161 -0.86 -25.35 -24.75
CA GLY A 161 -2.03 -24.72 -24.13
C GLY A 161 -1.80 -23.53 -23.22
N GLY A 162 -2.81 -22.65 -23.17
CA GLY A 162 -2.81 -21.49 -22.30
C GLY A 162 -4.22 -20.94 -22.12
N GLY A 163 -4.41 -20.10 -21.11
CA GLY A 163 -5.73 -19.52 -20.81
C GLY A 163 -6.85 -20.50 -20.54
N GLY A 164 -6.51 -21.70 -20.06
CA GLY A 164 -7.52 -22.71 -19.73
C GLY A 164 -8.16 -23.46 -20.90
N LYS A 165 -7.76 -23.12 -22.12
CA LYS A 165 -8.34 -23.72 -23.32
C LYS A 165 -7.62 -25.00 -23.72
N GLY A 166 -8.42 -26.01 -24.06
CA GLY A 166 -7.91 -27.28 -24.56
C GLY A 166 -7.61 -28.21 -23.42
N ILE A 167 -8.53 -28.25 -22.44
CA ILE A 167 -8.42 -29.12 -21.27
C ILE A 167 -9.77 -29.83 -21.05
N ARG A 168 -9.76 -31.14 -20.88
CA ARG A 168 -11.01 -31.88 -20.62
C ARG A 168 -10.83 -33.08 -19.73
N VAL A 169 -11.68 -33.18 -18.72
CA VAL A 169 -11.75 -34.35 -17.87
C VAL A 169 -12.54 -35.43 -18.60
N ALA A 170 -12.09 -36.68 -18.47
CA ALA A 170 -12.83 -37.84 -18.93
C ALA A 170 -12.93 -38.82 -17.75
N ARG A 171 -14.16 -39.18 -17.37
CA ARG A 171 -14.35 -40.08 -16.23
C ARG A 171 -14.63 -41.52 -16.65
N ASP A 172 -14.84 -41.74 -17.95
CA ASP A 172 -14.89 -43.10 -18.51
C ASP A 172 -14.41 -43.11 -19.96
N GLU A 173 -14.41 -44.28 -20.57
CA GLU A 173 -13.86 -44.42 -21.91
C GLU A 173 -14.66 -43.64 -22.96
N LYS A 174 -15.98 -43.62 -22.81
CA LYS A 174 -16.84 -42.91 -23.76
C LYS A 174 -16.61 -41.40 -23.72
N GLU A 175 -16.38 -40.86 -22.51
CA GLU A 175 -16.02 -39.46 -22.35
C GLU A 175 -14.64 -39.18 -22.96
N LEU A 176 -13.69 -40.09 -22.74
CA LEU A 176 -12.34 -39.92 -23.28
C LEU A 176 -12.34 -39.92 -24.81
N GLU A 177 -13.13 -40.81 -25.39
CA GLU A 177 -13.30 -40.88 -26.82
C GLU A 177 -13.92 -39.59 -27.39
N THR A 178 -15.03 -39.12 -26.79
CA THR A 178 -15.67 -37.88 -27.27
C THR A 178 -14.82 -36.64 -26.98
N GLY A 179 -14.21 -36.59 -25.79
CA GLY A 179 -13.41 -35.44 -25.40
C GLY A 179 -12.09 -35.29 -26.15
N PHE A 180 -11.61 -36.38 -26.76
CA PHE A 180 -10.31 -36.38 -27.42
C PHE A 180 -10.39 -35.52 -28.67
N ARG A 181 -11.40 -35.79 -29.47
CA ARG A 181 -11.59 -35.13 -30.75
C ARG A 181 -11.98 -33.66 -30.54
N MET A 182 -12.76 -33.39 -29.49
CA MET A 182 -13.13 -32.01 -29.13
C MET A 182 -11.94 -31.13 -28.79
N THR A 183 -11.03 -31.67 -27.98
CA THR A 183 -9.88 -30.94 -27.46
C THR A 183 -8.81 -30.78 -28.55
N GLU A 184 -8.64 -31.81 -29.35
CA GLU A 184 -7.72 -31.75 -30.47
C GLU A 184 -8.15 -30.64 -31.44
N GLN A 185 -9.44 -30.63 -31.77
CA GLN A 185 -10.02 -29.58 -32.61
C GLN A 185 -9.78 -28.19 -32.04
N GLU A 186 -10.18 -27.99 -30.79
CA GLU A 186 -10.06 -26.68 -30.13
C GLU A 186 -8.61 -26.18 -30.03
N ALA A 187 -7.68 -27.11 -29.80
CA ALA A 187 -6.27 -26.80 -29.66
C ALA A 187 -5.62 -26.37 -30.99
N GLN A 188 -5.91 -27.10 -32.04
CA GLN A 188 -5.44 -26.77 -33.39
C GLN A 188 -5.89 -25.37 -33.79
N THR A 189 -7.15 -25.07 -33.48
CA THR A 189 -7.75 -23.80 -33.78
C THR A 189 -7.07 -22.73 -32.94
N ALA A 190 -7.01 -22.95 -31.64
CA ALA A 190 -6.51 -21.94 -30.71
C ALA A 190 -5.00 -21.71 -30.82
N PHE A 191 -4.24 -22.77 -31.08
CA PHE A 191 -2.78 -22.75 -30.98
C PHE A 191 -2.02 -23.20 -32.25
N GLY A 192 -2.71 -23.78 -33.22
CA GLY A 192 -2.03 -24.37 -34.38
C GLY A 192 -1.23 -25.60 -33.99
N ASN A 193 -1.72 -26.31 -32.98
CA ASN A 193 -1.05 -27.49 -32.47
C ASN A 193 -2.09 -28.30 -31.71
N GLY A 194 -2.51 -29.41 -32.31
CA GLY A 194 -3.54 -30.26 -31.78
C GLY A 194 -2.98 -31.41 -30.97
N GLY A 195 -1.70 -31.32 -30.65
CA GLY A 195 -1.04 -32.30 -29.78
C GLY A 195 -1.59 -32.28 -28.37
N LEU A 196 -2.03 -33.45 -27.91
CA LEU A 196 -2.59 -33.62 -26.56
C LEU A 196 -1.76 -34.61 -25.76
N TYR A 197 -1.65 -34.36 -24.46
CA TYR A 197 -1.07 -35.32 -23.51
C TYR A 197 -2.12 -35.59 -22.42
N MET A 198 -1.90 -36.64 -21.63
CA MET A 198 -2.87 -37.08 -20.64
C MET A 198 -2.23 -37.16 -19.25
N GLU A 199 -3.03 -36.85 -18.23
CA GLU A 199 -2.59 -36.95 -16.85
C GLU A 199 -3.70 -37.57 -16.01
N LYS A 200 -3.32 -38.10 -14.86
CA LYS A 200 -4.28 -38.45 -13.81
C LYS A 200 -4.99 -37.18 -13.38
N PHE A 201 -6.32 -37.19 -13.38
CA PHE A 201 -7.07 -36.01 -12.96
C PHE A 201 -7.12 -36.03 -11.44
N ILE A 202 -6.44 -35.07 -10.81
CA ILE A 202 -6.40 -35.00 -9.34
C ILE A 202 -7.64 -34.28 -8.81
N GLU A 203 -8.25 -34.90 -7.80
CA GLU A 203 -9.59 -34.55 -7.37
C GLU A 203 -9.63 -33.76 -6.05
N ASN A 204 -8.67 -34.00 -5.17
CA ASN A 204 -8.60 -33.32 -3.87
C ASN A 204 -7.24 -32.67 -3.68
N PHE A 205 -7.09 -31.44 -4.16
CA PHE A 205 -5.79 -30.78 -4.10
C PHE A 205 -5.90 -29.28 -3.86
N ARG A 206 -4.76 -28.68 -3.52
CA ARG A 206 -4.64 -27.22 -3.47
C ARG A 206 -3.67 -26.73 -4.53
N HIS A 207 -4.00 -25.59 -5.14
CA HIS A 207 -3.15 -25.00 -6.16
C HIS A 207 -2.09 -24.15 -5.46
N ILE A 208 -0.87 -24.70 -5.43
CA ILE A 208 0.30 -24.03 -4.84
C ILE A 208 1.34 -23.74 -5.91
N GLU A 209 1.72 -22.48 -6.07
CA GLU A 209 2.68 -22.10 -7.09
C GLU A 209 3.84 -21.32 -6.49
N ILE A 210 5.02 -21.51 -7.06
CA ILE A 210 6.22 -20.91 -6.51
C ILE A 210 6.76 -19.88 -7.47
N GLN A 211 6.89 -18.65 -6.98
CA GLN A 211 7.56 -17.61 -7.71
C GLN A 211 9.07 -17.88 -7.77
N ILE A 212 9.60 -17.99 -9.00
CA ILE A 212 11.06 -18.00 -9.19
C ILE A 212 11.50 -16.71 -9.91
N VAL A 213 12.75 -16.35 -9.74
CA VAL A 213 13.39 -15.31 -10.54
C VAL A 213 14.84 -15.68 -10.77
N GLY A 214 15.24 -15.78 -12.04
CA GLY A 214 16.66 -15.91 -12.38
C GLY A 214 17.27 -14.67 -13.01
N ASP A 215 18.59 -14.51 -12.87
CA ASP A 215 19.34 -13.49 -13.61
C ASP A 215 20.03 -14.12 -14.83
N SER A 216 20.77 -13.29 -15.59
CA SER A 216 21.46 -13.74 -16.79
C SER A 216 22.79 -14.42 -16.48
N TYR A 217 23.05 -14.68 -15.20
CA TYR A 217 24.32 -15.20 -14.71
C TYR A 217 24.14 -16.54 -14.01
N GLY A 218 22.99 -17.19 -14.26
CA GLY A 218 22.73 -18.52 -13.70
C GLY A 218 22.24 -18.59 -12.26
N ASN A 219 21.97 -17.45 -11.64
CA ASN A 219 21.50 -17.43 -10.25
C ASN A 219 19.98 -17.48 -10.24
N VAL A 220 19.42 -18.43 -9.50
CA VAL A 220 17.96 -18.57 -9.36
C VAL A 220 17.54 -18.63 -7.88
N ILE A 221 16.52 -17.84 -7.54
CA ILE A 221 15.92 -17.89 -6.20
C ILE A 221 14.40 -18.02 -6.32
N HIS A 222 13.75 -18.33 -5.21
CA HIS A 222 12.28 -18.36 -5.13
C HIS A 222 11.81 -17.44 -4.01
N LEU A 223 10.61 -16.89 -4.17
CA LEU A 223 10.05 -15.91 -3.23
C LEU A 223 8.85 -16.53 -2.52
N GLY A 224 8.94 -17.83 -2.27
CA GLY A 224 7.88 -18.61 -1.65
C GLY A 224 6.70 -18.87 -2.55
N GLU A 225 5.59 -19.25 -1.93
CA GLU A 225 4.41 -19.72 -2.66
C GLU A 225 3.26 -18.72 -2.70
N ARG A 226 2.39 -18.94 -3.67
CA ARG A 226 1.06 -18.35 -3.69
C ARG A 226 0.05 -19.51 -3.69
N ASP A 227 -1.02 -19.33 -2.93
CA ASP A 227 -2.12 -20.29 -2.88
C ASP A 227 -3.32 -19.75 -3.66
N CYS A 228 -3.61 -20.42 -4.78
CA CYS A 228 -4.61 -19.98 -5.75
C CYS A 228 -5.71 -21.02 -5.90
N THR A 229 -6.13 -21.58 -4.76
CA THR A 229 -7.13 -22.65 -4.74
C THR A 229 -8.56 -22.13 -5.01
N ILE A 230 -8.88 -20.91 -4.54
CA ILE A 230 -10.19 -20.30 -4.86
C ILE A 230 -10.26 -19.92 -6.34
N GLN A 231 -10.94 -20.79 -7.08
CA GLN A 231 -10.97 -20.78 -8.54
C GLN A 231 -12.40 -20.94 -9.02
N ARG A 232 -12.78 -20.19 -10.04
CA ARG A 232 -14.04 -20.42 -10.75
C ARG A 232 -13.69 -20.84 -12.17
N ARG A 233 -14.09 -22.07 -12.53
CA ARG A 233 -13.91 -22.60 -13.89
C ARG A 233 -12.46 -22.60 -14.38
N MET A 234 -11.56 -23.08 -13.52
CA MET A 234 -10.09 -23.03 -13.70
C MET A 234 -9.48 -21.66 -13.40
N GLN A 235 -10.20 -20.58 -13.71
CA GLN A 235 -9.65 -19.22 -13.56
C GLN A 235 -9.58 -18.77 -12.11
N LYS A 236 -8.49 -18.11 -11.76
CA LYS A 236 -8.18 -17.72 -10.40
C LYS A 236 -8.96 -16.47 -10.01
N LEU A 237 -9.51 -16.47 -8.78
CA LEU A 237 -10.29 -15.35 -8.25
C LEU A 237 -9.65 -14.73 -7.02
N VAL A 238 -9.12 -15.58 -6.14
CA VAL A 238 -8.54 -15.13 -4.89
C VAL A 238 -7.23 -15.88 -4.67
N GLU A 239 -6.16 -15.11 -4.45
CA GLU A 239 -4.83 -15.66 -4.24
C GLU A 239 -4.32 -15.22 -2.89
N GLU A 240 -3.58 -16.08 -2.19
CA GLU A 240 -2.97 -15.65 -0.94
C GLU A 240 -1.58 -16.19 -0.74
N ALA A 241 -0.80 -15.37 -0.02
CA ALA A 241 0.55 -15.71 0.38
C ALA A 241 0.71 -15.43 1.86
N PRO A 242 1.36 -16.34 2.59
CA PRO A 242 1.75 -17.69 2.19
C PRO A 242 0.51 -18.57 2.10
N SER A 243 0.68 -19.86 1.82
CA SER A 243 -0.44 -20.78 1.89
C SER A 243 -0.85 -21.03 3.35
N PRO A 244 -2.16 -20.94 3.66
CA PRO A 244 -2.67 -21.24 5.00
C PRO A 244 -2.34 -22.64 5.52
N ILE A 245 -2.21 -23.60 4.60
CA ILE A 245 -2.14 -25.03 4.96
C ILE A 245 -0.73 -25.61 4.95
N LEU A 246 0.27 -24.77 4.68
CA LEU A 246 1.64 -25.24 4.42
C LEU A 246 2.58 -24.92 5.58
N ASP A 247 3.39 -25.91 5.97
CA ASP A 247 4.45 -25.70 6.95
C ASP A 247 5.78 -25.34 6.26
N ASP A 248 6.74 -24.90 7.07
CA ASP A 248 8.01 -24.36 6.55
C ASP A 248 8.89 -25.40 5.85
N GLU A 249 8.71 -26.68 6.20
CA GLU A 249 9.50 -27.74 5.58
C GLU A 249 9.03 -28.01 4.17
N THR A 250 7.71 -27.93 3.95
CA THR A 250 7.12 -28.13 2.63
C THR A 250 7.34 -26.91 1.73
N ARG A 251 7.26 -25.71 2.30
CA ARG A 251 7.57 -24.47 1.56
C ARG A 251 8.98 -24.55 0.99
N ARG A 252 9.90 -25.00 1.85
CA ARG A 252 11.31 -25.18 1.52
C ARG A 252 11.57 -26.26 0.48
N GLU A 253 10.85 -27.36 0.59
CA GLU A 253 10.97 -28.49 -0.33
C GLU A 253 10.38 -28.15 -1.70
N MET A 254 9.27 -27.42 -1.70
CA MET A 254 8.63 -26.98 -2.94
C MET A 254 9.41 -25.85 -3.60
N GLY A 255 9.92 -24.91 -2.81
CA GLY A 255 10.76 -23.83 -3.34
C GLY A 255 12.02 -24.35 -3.99
N ASN A 256 12.66 -25.32 -3.32
CA ASN A 256 13.82 -26.01 -3.87
C ASN A 256 13.52 -26.78 -5.16
N ALA A 257 12.33 -27.36 -5.25
CA ALA A 257 11.91 -28.07 -6.47
C ALA A 257 11.75 -27.09 -7.64
N ALA A 258 11.15 -25.94 -7.34
CA ALA A 258 10.94 -24.89 -8.33
C ALA A 258 12.25 -24.29 -8.84
N VAL A 259 13.22 -24.10 -7.95
CA VAL A 259 14.54 -23.59 -8.33
C VAL A 259 15.27 -24.63 -9.21
N ARG A 260 15.14 -25.92 -8.91
CA ARG A 260 15.69 -26.98 -9.77
C ARG A 260 15.04 -26.98 -11.14
N ALA A 261 13.73 -26.75 -11.16
CA ALA A 261 12.97 -26.63 -12.38
C ALA A 261 13.54 -25.53 -13.27
N ALA A 262 13.64 -24.33 -12.71
CA ALA A 262 14.06 -23.15 -13.48
C ALA A 262 15.49 -23.28 -14.04
N LYS A 263 16.40 -23.88 -13.28
CA LYS A 263 17.77 -24.00 -13.77
C LYS A 263 18.02 -25.20 -14.67
N ALA A 264 17.16 -26.21 -14.64
CA ALA A 264 17.22 -27.30 -15.62
C ALA A 264 17.04 -26.75 -17.05
N VAL A 265 16.30 -25.64 -17.17
CA VAL A 265 16.09 -24.93 -18.42
C VAL A 265 16.82 -23.57 -18.49
N ASN A 266 17.84 -23.40 -17.65
N ASN A 266 17.86 -23.39 -17.68
CA ASN A 266 18.62 -22.16 -17.60
CA ASN A 266 18.63 -22.13 -17.71
C ASN A 266 17.73 -20.92 -17.67
C ASN A 266 17.73 -20.89 -17.68
N TYR A 267 16.71 -20.91 -16.81
CA TYR A 267 15.66 -19.88 -16.85
C TYR A 267 16.17 -18.53 -16.31
N GLU A 268 15.86 -17.47 -17.06
CA GLU A 268 16.22 -16.10 -16.73
C GLU A 268 14.97 -15.23 -16.56
N ASN A 269 15.06 -14.27 -15.64
CA ASN A 269 13.96 -13.36 -15.31
C ASN A 269 12.84 -14.08 -14.52
N ALA A 270 11.61 -13.56 -14.52
CA ALA A 270 10.55 -14.09 -13.64
C ALA A 270 9.73 -15.19 -14.31
N GLY A 271 9.45 -16.23 -13.53
CA GLY A 271 8.50 -17.27 -13.90
C GLY A 271 7.82 -17.83 -12.66
N THR A 272 6.83 -18.69 -12.88
CA THR A 272 6.11 -19.38 -11.80
C THR A 272 5.98 -20.89 -12.04
N ILE A 273 6.39 -21.69 -11.08
CA ILE A 273 6.14 -23.13 -11.14
C ILE A 273 4.81 -23.39 -10.46
N GLU A 274 3.86 -23.95 -11.21
CA GLU A 274 2.60 -24.38 -10.65
C GLU A 274 2.68 -25.81 -10.19
N PHE A 275 2.22 -26.04 -8.96
CA PHE A 275 2.19 -27.35 -8.35
C PHE A 275 0.78 -27.71 -7.90
N ILE A 276 0.43 -28.97 -8.13
CA ILE A 276 -0.73 -29.60 -7.54
C ILE A 276 -0.30 -30.16 -6.20
N TYR A 277 -0.87 -29.62 -5.13
CA TYR A 277 -0.63 -30.16 -3.79
C TYR A 277 -1.78 -31.12 -3.37
N ASP A 278 -1.54 -32.43 -3.55
CA ASP A 278 -2.55 -33.47 -3.31
C ASP A 278 -2.89 -33.64 -1.81
N LEU A 279 -4.09 -33.19 -1.43
CA LEU A 279 -4.51 -33.25 -0.02
C LEU A 279 -4.72 -34.69 0.49
N ASN A 280 -4.79 -35.69 -0.41
CA ASN A 280 -4.96 -37.09 0.01
C ASN A 280 -3.71 -37.72 0.62
N ASP A 281 -2.53 -37.32 0.15
CA ASP A 281 -1.26 -37.80 0.71
C ASP A 281 -0.22 -36.70 1.00
N ASN A 282 -0.62 -35.43 0.83
CA ASN A 282 0.30 -34.31 1.04
C ASN A 282 1.59 -34.49 0.25
N LYS A 283 1.44 -34.69 -1.06
CA LYS A 283 2.56 -34.72 -2.00
C LYS A 283 2.28 -33.66 -3.05
N PHE A 284 3.34 -33.10 -3.61
CA PHE A 284 3.18 -32.11 -4.67
C PHE A 284 3.64 -32.67 -6.02
N TYR A 285 3.05 -32.13 -7.09
CA TYR A 285 3.40 -32.52 -8.44
C TYR A 285 3.50 -31.27 -9.34
N PHE A 286 4.58 -31.20 -10.12
CA PHE A 286 4.71 -30.19 -11.17
C PHE A 286 3.57 -30.36 -12.16
N MET A 287 2.86 -29.26 -12.44
CA MET A 287 1.76 -29.24 -13.42
C MET A 287 2.17 -28.48 -14.67
N GLU A 288 2.71 -27.29 -14.50
CA GLU A 288 3.31 -26.52 -15.59
C GLU A 288 4.09 -25.32 -15.07
N MET A 289 4.91 -24.74 -15.93
CA MET A 289 5.50 -23.42 -15.69
C MET A 289 4.82 -22.35 -16.55
N ASN A 290 4.47 -21.22 -15.94
CA ASN A 290 4.22 -19.97 -16.67
C ASN A 290 5.54 -19.25 -16.81
N THR A 291 6.01 -19.12 -18.05
CA THR A 291 7.27 -18.43 -18.32
C THR A 291 7.05 -16.92 -18.48
N ARG A 292 6.51 -16.29 -17.43
CA ARG A 292 6.06 -14.90 -17.47
C ARG A 292 5.71 -14.39 -16.08
N ILE A 293 5.58 -13.07 -15.94
CA ILE A 293 4.95 -12.49 -14.75
C ILE A 293 3.45 -12.87 -14.75
N GLN A 294 2.87 -12.96 -13.55
CA GLN A 294 1.47 -13.32 -13.39
C GLN A 294 0.62 -12.19 -12.82
N VAL A 295 -0.69 -12.34 -12.98
CA VAL A 295 -1.66 -11.36 -12.47
C VAL A 295 -1.47 -11.17 -10.97
N GLU A 296 -1.30 -12.30 -10.29
CA GLU A 296 -1.23 -12.34 -8.82
C GLU A 296 0.12 -11.97 -8.19
N HIS A 297 1.08 -11.51 -8.98
CA HIS A 297 2.41 -11.23 -8.43
C HIS A 297 2.41 -10.30 -7.19
N PRO A 298 1.48 -9.33 -7.09
CA PRO A 298 1.50 -8.42 -5.93
C PRO A 298 1.42 -9.06 -4.55
N VAL A 299 0.63 -10.13 -4.39
CA VAL A 299 0.53 -10.83 -3.10
C VAL A 299 1.90 -11.25 -2.59
N THR A 300 2.77 -11.69 -3.50
CA THR A 300 4.17 -12.07 -3.19
C THR A 300 5.07 -10.87 -2.87
N GLU A 301 4.89 -9.80 -3.64
CA GLU A 301 5.61 -8.56 -3.47
C GLU A 301 5.34 -7.91 -2.12
N MET A 302 4.11 -8.07 -1.62
CA MET A 302 3.75 -7.51 -0.31
C MET A 302 4.37 -8.31 0.82
N VAL A 303 4.23 -9.62 0.81
CA VAL A 303 4.82 -10.43 1.88
C VAL A 303 6.36 -10.47 1.87
N THR A 304 6.96 -10.35 0.68
CA THR A 304 8.42 -10.44 0.53
C THR A 304 9.11 -9.09 0.48
N GLY A 305 8.36 -8.02 0.17
CA GLY A 305 8.93 -6.68 0.03
C GLY A 305 9.75 -6.46 -1.22
N ILE A 306 9.61 -7.33 -2.21
CA ILE A 306 10.41 -7.31 -3.46
C ILE A 306 9.58 -6.81 -4.63
N ASP A 307 10.02 -5.74 -5.30
CA ASP A 307 9.32 -5.24 -6.49
C ASP A 307 9.69 -6.11 -7.71
N LEU A 308 8.82 -7.08 -8.00
CA LEU A 308 9.08 -8.12 -9.00
C LEU A 308 9.18 -7.62 -10.44
N VAL A 309 8.33 -6.66 -10.80
CA VAL A 309 8.38 -6.11 -12.15
C VAL A 309 9.65 -5.26 -12.32
N LYS A 310 9.98 -4.47 -11.31
CA LYS A 310 11.24 -3.71 -11.35
C LYS A 310 12.40 -4.65 -11.48
N LEU A 311 12.34 -5.77 -10.75
CA LEU A 311 13.37 -6.79 -10.82
C LEU A 311 13.45 -7.42 -12.23
N GLN A 312 12.32 -7.53 -12.92
CA GLN A 312 12.27 -8.02 -14.30
C GLN A 312 13.10 -7.13 -15.21
N LEU A 313 12.90 -5.82 -15.06
CA LEU A 313 13.58 -4.83 -15.85
C LEU A 313 15.08 -4.84 -15.52
N GLN A 314 15.40 -4.94 -14.23
CA GLN A 314 16.78 -4.96 -13.76
C GLN A 314 17.54 -6.17 -14.31
N VAL A 315 16.95 -7.36 -14.18
CA VAL A 315 17.50 -8.61 -14.74
C VAL A 315 17.74 -8.51 -16.26
N ALA A 316 16.77 -7.94 -16.97
CA ALA A 316 16.88 -7.66 -18.41
C ALA A 316 18.00 -6.65 -18.77
N MET A 317 18.20 -5.63 -17.93
CA MET A 317 19.25 -4.64 -18.11
C MET A 317 20.63 -5.20 -17.77
N GLY A 318 20.69 -6.40 -17.22
CA GLY A 318 21.96 -7.09 -16.98
C GLY A 318 22.39 -7.19 -15.54
N ASP A 319 21.54 -6.76 -14.60
CA ASP A 319 21.86 -6.84 -13.17
C ASP A 319 21.90 -8.30 -12.68
N VAL A 320 22.83 -8.56 -11.77
CA VAL A 320 22.83 -9.79 -10.98
C VAL A 320 21.68 -9.70 -9.95
N LEU A 321 21.15 -10.84 -9.51
CA LEU A 321 20.11 -10.85 -8.49
C LEU A 321 20.59 -10.12 -7.23
N PRO A 322 19.76 -9.20 -6.68
CA PRO A 322 20.18 -8.45 -5.50
C PRO A 322 19.85 -9.13 -4.17
N TYR A 323 19.37 -10.37 -4.23
CA TYR A 323 19.07 -11.15 -3.06
C TYR A 323 19.56 -12.55 -3.33
N LYS A 324 20.11 -13.19 -2.30
CA LYS A 324 20.32 -14.62 -2.34
C LYS A 324 19.15 -15.22 -1.56
N GLN A 325 19.05 -16.55 -1.55
CA GLN A 325 17.85 -17.20 -1.02
C GLN A 325 17.65 -16.92 0.46
N GLU A 326 18.76 -16.75 1.18
CA GLU A 326 18.74 -16.54 2.63
C GLU A 326 18.28 -15.13 3.02
N ASP A 327 18.29 -14.21 2.05
CA ASP A 327 17.75 -12.86 2.26
C ASP A 327 16.22 -12.81 2.12
N ILE A 328 15.61 -13.82 1.51
CA ILE A 328 14.17 -13.82 1.26
C ILE A 328 13.40 -14.29 2.49
N LYS A 329 12.48 -13.46 2.97
CA LYS A 329 11.51 -13.87 3.98
C LYS A 329 10.10 -13.38 3.64
N LEU A 330 9.11 -14.23 3.86
CA LEU A 330 7.70 -13.87 3.73
C LEU A 330 7.16 -13.39 5.08
N THR A 331 6.85 -12.09 5.17
CA THR A 331 6.33 -11.50 6.39
C THR A 331 4.85 -11.16 6.24
N GLY A 332 4.07 -11.59 7.23
CA GLY A 332 2.64 -11.33 7.28
C GLY A 332 1.84 -12.24 6.39
N HIS A 333 0.65 -11.78 6.02
CA HIS A 333 -0.24 -12.52 5.15
C HIS A 333 -0.91 -11.56 4.21
N ALA A 334 -0.89 -11.91 2.93
CA ALA A 334 -1.55 -11.12 1.90
C ALA A 334 -2.55 -11.95 1.09
N ILE A 335 -3.68 -11.34 0.76
CA ILE A 335 -4.68 -11.98 -0.07
C ILE A 335 -5.14 -11.02 -1.16
N GLU A 336 -5.18 -11.52 -2.40
CA GLU A 336 -5.59 -10.73 -3.56
C GLU A 336 -6.98 -11.13 -4.00
N PHE A 337 -7.79 -10.14 -4.35
CA PHE A 337 -9.13 -10.36 -4.86
C PHE A 337 -9.20 -9.78 -6.28
N ARG A 338 -9.39 -10.63 -7.27
CA ARG A 338 -9.62 -10.14 -8.64
C ARG A 338 -11.04 -9.66 -8.80
N ILE A 339 -11.22 -8.36 -8.96
CA ILE A 339 -12.55 -7.76 -9.07
C ILE A 339 -12.90 -7.58 -10.52
N ASN A 340 -13.88 -8.36 -11.01
CA ASN A 340 -14.33 -8.28 -12.41
C ASN A 340 -15.68 -7.60 -12.64
N ALA A 341 -15.90 -7.14 -13.87
CA ALA A 341 -17.17 -6.50 -14.30
C ALA A 341 -18.18 -7.60 -14.64
N GLU A 342 -18.68 -8.23 -13.60
CA GLU A 342 -19.61 -9.33 -13.72
C GLU A 342 -20.51 -9.27 -12.50
N ASN A 343 -21.70 -9.82 -12.62
CA ASN A 343 -22.67 -9.84 -11.54
C ASN A 343 -22.70 -11.21 -10.88
N PRO A 344 -22.14 -11.34 -9.64
CA PRO A 344 -22.22 -12.63 -8.97
C PRO A 344 -23.66 -13.09 -8.60
N TYR A 345 -24.61 -12.15 -8.53
CA TYR A 345 -26.03 -12.48 -8.31
C TYR A 345 -26.73 -13.02 -9.57
N LYS A 346 -26.06 -12.91 -10.72
CA LYS A 346 -26.56 -13.49 -11.97
C LYS A 346 -25.53 -14.48 -12.56
N ASN A 347 -25.01 -15.34 -11.68
CA ASN A 347 -24.00 -16.33 -12.05
C ASN A 347 -22.86 -15.71 -12.86
N PHE A 348 -22.35 -14.57 -12.38
CA PHE A 348 -21.23 -13.87 -13.00
C PHE A 348 -21.45 -13.45 -14.45
N MET A 349 -22.69 -13.06 -14.76
CA MET A 349 -23.01 -12.50 -16.08
C MET A 349 -22.16 -11.24 -16.31
N PRO A 350 -21.45 -11.17 -17.46
CA PRO A 350 -20.70 -9.95 -17.79
C PRO A 350 -21.53 -8.68 -17.65
N SER A 351 -20.91 -7.61 -17.15
CA SER A 351 -21.63 -6.36 -16.92
C SER A 351 -20.93 -5.19 -17.61
N PRO A 352 -21.33 -4.92 -18.87
CA PRO A 352 -20.71 -3.88 -19.68
C PRO A 352 -21.32 -2.54 -19.39
N GLY A 353 -20.58 -1.47 -19.63
CA GLY A 353 -21.09 -0.13 -19.42
C GLY A 353 -20.03 0.85 -18.98
N LYS A 354 -20.46 2.10 -18.85
CA LYS A 354 -19.63 3.17 -18.34
C LYS A 354 -19.58 3.05 -16.82
N ILE A 355 -18.40 3.33 -16.25
CA ILE A 355 -18.24 3.47 -14.82
C ILE A 355 -18.61 4.89 -14.45
N GLU A 356 -19.65 5.05 -13.65
CA GLU A 356 -20.13 6.38 -13.25
C GLU A 356 -19.42 6.91 -11.99
N GLN A 357 -19.08 6.00 -11.08
CA GLN A 357 -18.32 6.37 -9.87
C GLN A 357 -17.27 5.31 -9.57
N TYR A 358 -16.03 5.76 -9.43
CA TYR A 358 -14.94 4.89 -9.05
C TYR A 358 -14.23 5.55 -7.86
N LEU A 359 -14.28 4.88 -6.72
CA LEU A 359 -13.61 5.34 -5.52
C LEU A 359 -12.87 4.15 -4.91
N ALA A 360 -11.55 4.18 -5.04
CA ALA A 360 -10.67 3.11 -4.57
C ALA A 360 -10.37 3.30 -3.09
N PRO A 361 -10.40 2.22 -2.31
CA PRO A 361 -10.07 2.37 -0.90
C PRO A 361 -8.56 2.46 -0.64
N GLY A 362 -8.21 3.12 0.46
CA GLY A 362 -6.83 3.21 0.89
C GLY A 362 -6.66 2.71 2.31
N GLY A 363 -5.73 3.30 3.04
CA GLY A 363 -5.50 2.92 4.42
C GLY A 363 -4.45 1.83 4.56
N TYR A 364 -4.20 1.44 5.80
CA TYR A 364 -3.19 0.46 6.12
C TYR A 364 -3.44 -0.88 5.42
N GLY A 365 -2.38 -1.46 4.87
CA GLY A 365 -2.41 -2.81 4.30
C GLY A 365 -2.92 -2.93 2.88
N VAL A 366 -3.48 -1.86 2.33
CA VAL A 366 -4.26 -1.87 1.10
C VAL A 366 -3.44 -1.41 -0.12
N ARG A 367 -3.43 -2.26 -1.16
CA ARG A 367 -2.86 -1.92 -2.46
C ARG A 367 -3.88 -2.13 -3.58
N ILE A 368 -4.15 -1.08 -4.36
CA ILE A 368 -5.11 -1.20 -5.48
C ILE A 368 -4.34 -1.22 -6.80
N GLU A 369 -4.59 -2.24 -7.61
CA GLU A 369 -4.02 -2.37 -8.97
C GLU A 369 -5.14 -2.25 -9.99
N SER A 370 -5.14 -1.16 -10.77
CA SER A 370 -6.23 -0.85 -11.69
C SER A 370 -5.86 0.15 -12.80
N ALA A 371 -6.53 0.01 -13.93
CA ALA A 371 -6.48 1.00 -14.99
C ALA A 371 -7.84 1.70 -15.16
N CYS A 372 -8.78 1.42 -14.25
CA CYS A 372 -10.11 2.00 -14.32
C CYS A 372 -10.16 3.33 -13.61
N TYR A 373 -11.13 4.14 -14.03
CA TYR A 373 -11.31 5.46 -13.53
C TYR A 373 -12.74 5.92 -13.87
N THR A 374 -13.22 6.91 -13.14
CA THR A 374 -14.56 7.47 -13.33
C THR A 374 -14.78 7.91 -14.77
N ASN A 375 -15.88 7.43 -15.35
CA ASN A 375 -16.29 7.66 -16.73
C ASN A 375 -15.57 6.76 -17.75
N TYR A 376 -14.73 5.85 -17.27
CA TYR A 376 -14.07 4.88 -18.14
C TYR A 376 -15.09 3.80 -18.50
N THR A 377 -14.99 3.28 -19.73
CA THR A 377 -15.77 2.12 -20.17
C THR A 377 -14.81 0.99 -20.51
N ILE A 378 -14.91 -0.11 -19.78
CA ILE A 378 -14.12 -1.28 -20.10
C ILE A 378 -14.63 -1.84 -21.43
N PRO A 379 -13.75 -1.97 -22.44
CA PRO A 379 -14.24 -2.56 -23.68
C PRO A 379 -14.49 -4.05 -23.48
N PRO A 380 -15.61 -4.55 -24.02
CA PRO A 380 -15.96 -5.95 -23.78
C PRO A 380 -15.13 -6.98 -24.58
N TYR A 381 -14.16 -6.54 -25.38
CA TYR A 381 -13.46 -7.44 -26.31
C TYR A 381 -12.16 -8.09 -25.79
N TYR A 382 -11.79 -7.84 -24.52
CA TYR A 382 -10.52 -8.37 -23.99
C TYR A 382 -10.66 -9.07 -22.66
N ASP A 383 -11.31 -8.39 -21.71
CA ASP A 383 -11.19 -8.76 -20.31
C ASP A 383 -12.37 -8.22 -19.54
N SER A 384 -12.42 -8.60 -18.25
CA SER A 384 -13.41 -8.10 -17.32
C SER A 384 -12.79 -7.50 -16.05
N MET A 385 -11.46 -7.31 -15.97
CA MET A 385 -10.83 -6.83 -14.71
C MET A 385 -11.05 -5.35 -14.44
N VAL A 386 -11.65 -5.05 -13.29
CA VAL A 386 -11.82 -3.68 -12.81
C VAL A 386 -10.59 -3.28 -12.00
N ALA A 387 -10.23 -4.14 -11.06
CA ALA A 387 -9.10 -3.94 -10.17
C ALA A 387 -8.67 -5.24 -9.52
N LYS A 388 -7.43 -5.27 -9.05
CA LYS A 388 -7.00 -6.25 -8.06
C LYS A 388 -6.93 -5.45 -6.78
N LEU A 389 -7.54 -5.98 -5.71
CA LEU A 389 -7.33 -5.44 -4.38
C LEU A 389 -6.48 -6.42 -3.63
N ILE A 390 -5.42 -5.93 -3.00
CA ILE A 390 -4.61 -6.75 -2.11
C ILE A 390 -4.59 -6.16 -0.69
N ILE A 391 -4.86 -7.04 0.28
CA ILE A 391 -4.73 -6.71 1.69
C ILE A 391 -3.53 -7.44 2.27
N HIS A 392 -2.65 -6.70 2.93
CA HIS A 392 -1.51 -7.28 3.65
C HIS A 392 -1.61 -6.93 5.15
N GLU A 393 -1.77 -7.96 5.97
CA GLU A 393 -1.83 -7.82 7.43
C GLU A 393 -0.84 -8.80 8.08
N PRO A 394 -0.59 -8.65 9.40
CA PRO A 394 0.33 -9.53 10.14
C PRO A 394 -0.11 -11.00 10.29
N THR A 395 -1.42 -11.23 10.18
CA THR A 395 -1.99 -12.58 10.22
C THR A 395 -3.12 -12.71 9.21
N ARG A 396 -3.55 -13.94 8.98
CA ARG A 396 -4.58 -14.21 7.99
C ARG A 396 -5.95 -13.69 8.42
N ASP A 397 -6.32 -13.93 9.68
CA ASP A 397 -7.59 -13.46 10.22
C ASP A 397 -7.69 -11.94 10.15
N GLU A 398 -6.56 -11.26 10.36
CA GLU A 398 -6.47 -9.80 10.21
C GLU A 398 -6.62 -9.32 8.76
N ALA A 399 -6.08 -10.11 7.82
CA ALA A 399 -6.21 -9.84 6.40
C ALA A 399 -7.66 -9.98 5.97
N ILE A 400 -8.30 -11.06 6.42
CA ILE A 400 -9.73 -11.27 6.20
C ILE A 400 -10.58 -10.13 6.76
N MET A 401 -10.35 -9.75 8.01
CA MET A 401 -11.06 -8.61 8.58
C MET A 401 -10.78 -7.32 7.82
N ALA A 402 -9.52 -7.10 7.46
CA ALA A 402 -9.13 -5.89 6.72
C ALA A 402 -9.70 -5.85 5.30
N GLY A 403 -9.73 -7.01 4.65
CA GLY A 403 -10.30 -7.16 3.32
C GLY A 403 -11.76 -6.81 3.25
N ILE A 404 -12.54 -7.24 4.25
CA ILE A 404 -13.96 -6.85 4.32
C ILE A 404 -14.05 -5.34 4.47
N ARG A 405 -13.22 -4.80 5.35
CA ARG A 405 -13.14 -3.35 5.53
C ARG A 405 -12.88 -2.67 4.18
N ALA A 406 -11.83 -3.10 3.48
CA ALA A 406 -11.41 -2.46 2.24
C ALA A 406 -12.46 -2.62 1.17
N LEU A 407 -12.85 -3.87 0.92
CA LEU A 407 -13.86 -4.22 -0.07
C LEU A 407 -15.19 -3.50 0.15
N SER A 408 -15.55 -3.32 1.42
CA SER A 408 -16.83 -2.71 1.81
C SER A 408 -16.97 -1.22 1.49
N GLU A 409 -15.87 -0.52 1.25
CA GLU A 409 -15.94 0.90 0.85
C GLU A 409 -15.51 1.20 -0.58
N PHE A 410 -15.19 0.16 -1.34
CA PHE A 410 -14.80 0.27 -2.76
C PHE A 410 -16.04 0.57 -3.59
N VAL A 411 -16.17 1.81 -4.08
CA VAL A 411 -17.32 2.23 -4.89
C VAL A 411 -17.03 2.05 -6.40
N VAL A 412 -17.76 1.13 -7.04
CA VAL A 412 -17.75 0.96 -8.48
C VAL A 412 -19.19 0.97 -8.96
N LEU A 413 -19.68 2.15 -9.37
CA LEU A 413 -21.07 2.28 -9.79
C LEU A 413 -21.17 2.48 -11.29
N GLY A 414 -22.32 2.07 -11.84
CA GLY A 414 -22.56 2.15 -13.26
C GLY A 414 -22.43 0.80 -13.93
N ILE A 415 -21.64 -0.09 -13.31
CA ILE A 415 -21.56 -1.49 -13.69
C ILE A 415 -21.64 -2.41 -12.46
N ASP A 416 -22.11 -3.64 -12.66
CA ASP A 416 -22.00 -4.64 -11.61
C ASP A 416 -20.57 -5.15 -11.53
N THR A 417 -20.10 -5.44 -10.31
CA THR A 417 -18.80 -6.09 -10.10
C THR A 417 -18.91 -7.26 -9.13
N THR A 418 -17.80 -7.97 -8.94
CA THR A 418 -17.77 -9.14 -8.04
C THR A 418 -17.30 -8.84 -6.61
N ILE A 419 -17.25 -7.55 -6.24
CA ILE A 419 -16.96 -7.19 -4.85
C ILE A 419 -17.87 -7.94 -3.87
N PRO A 420 -19.19 -7.93 -4.09
CA PRO A 420 -20.10 -8.70 -3.24
C PRO A 420 -19.76 -10.20 -3.07
N PHE A 421 -19.26 -10.85 -4.13
CA PHE A 421 -18.79 -12.24 -4.04
C PHE A 421 -17.66 -12.38 -3.02
N HIS A 422 -16.68 -11.48 -3.12
CA HIS A 422 -15.50 -11.49 -2.24
C HIS A 422 -15.82 -11.13 -0.80
N ILE A 423 -16.76 -10.21 -0.61
CA ILE A 423 -17.28 -9.91 0.73
C ILE A 423 -17.96 -11.14 1.34
N LYS A 424 -18.78 -11.83 0.55
CA LYS A 424 -19.41 -13.06 1.01
C LYS A 424 -18.41 -14.20 1.29
N LEU A 425 -17.39 -14.34 0.44
CA LEU A 425 -16.34 -15.34 0.67
C LEU A 425 -15.64 -15.09 2.01
N LEU A 426 -15.25 -13.85 2.27
CA LEU A 426 -14.52 -13.54 3.49
C LEU A 426 -15.33 -13.78 4.80
N ASN A 427 -16.65 -13.79 4.70
CA ASN A 427 -17.56 -14.15 5.82
C ASN A 427 -17.91 -15.65 5.93
N ASN A 428 -17.39 -16.46 5.00
CA ASN A 428 -17.67 -17.88 4.95
C ASN A 428 -16.77 -18.63 5.91
N ASP A 429 -17.37 -19.46 6.77
CA ASP A 429 -16.59 -20.16 7.81
C ASP A 429 -15.65 -21.21 7.25
N ILE A 430 -16.02 -21.84 6.14
CA ILE A 430 -15.11 -22.80 5.51
C ILE A 430 -13.86 -22.06 5.00
N PHE A 431 -14.05 -20.95 4.32
CA PHE A 431 -12.94 -20.09 3.90
C PHE A 431 -12.06 -19.67 5.07
N ARG A 432 -12.65 -19.11 6.12
CA ARG A 432 -11.93 -18.68 7.32
C ARG A 432 -11.16 -19.83 7.98
N SER A 433 -11.73 -21.03 7.97
CA SER A 433 -11.00 -22.20 8.48
C SER A 433 -9.68 -22.39 7.72
N GLY A 434 -9.63 -21.93 6.48
CA GLY A 434 -8.47 -22.14 5.62
C GLY A 434 -8.36 -23.54 5.03
N LYS A 435 -9.30 -24.43 5.39
CA LYS A 435 -9.24 -25.84 5.00
C LYS A 435 -10.29 -26.19 3.94
N PHE A 436 -9.79 -26.44 2.73
CA PHE A 436 -10.61 -26.65 1.53
C PHE A 436 -9.71 -26.98 0.33
N ASN A 437 -10.30 -27.42 -0.77
CA ASN A 437 -9.59 -27.71 -2.02
C ASN A 437 -10.14 -26.89 -3.19
N THR A 438 -9.68 -27.19 -4.41
CA THR A 438 -10.03 -26.42 -5.61
C THR A 438 -11.50 -26.46 -5.99
N ASN A 439 -12.19 -27.54 -5.61
CA ASN A 439 -13.62 -27.68 -5.86
C ASN A 439 -14.49 -26.79 -4.98
N PHE A 440 -13.90 -25.94 -4.15
CA PHE A 440 -14.66 -25.28 -3.08
C PHE A 440 -15.88 -24.49 -3.58
N LEU A 441 -15.69 -23.63 -4.58
CA LEU A 441 -16.82 -22.86 -5.13
C LEU A 441 -17.87 -23.76 -5.76
N GLU A 442 -17.40 -24.84 -6.41
CA GLU A 442 -18.28 -25.81 -7.06
C GLU A 442 -19.14 -26.64 -6.10
N GLN A 443 -18.64 -26.96 -4.91
CA GLN A 443 -19.44 -27.76 -3.98
C GLN A 443 -19.97 -26.92 -2.82
N ASN A 444 -20.01 -25.61 -3.03
CA ASN A 444 -20.67 -24.68 -2.13
C ASN A 444 -21.48 -23.69 -2.96
N SER A 445 -22.30 -22.87 -2.30
CA SER A 445 -23.03 -21.80 -3.01
C SER A 445 -22.88 -20.52 -2.21
N ILE A 446 -21.69 -19.94 -2.36
CA ILE A 446 -21.23 -18.78 -1.60
C ILE A 446 -22.20 -17.60 -1.65
N MET A 447 -22.87 -17.43 -2.80
CA MET A 447 -23.81 -16.31 -2.97
C MET A 447 -25.17 -16.48 -2.28
N ASN A 448 -25.40 -17.64 -1.65
CA ASN A 448 -26.62 -17.99 -0.89
C ASN A 448 -27.79 -18.35 -1.83
N LYS B 2 -16.98 -2.44 21.42
CA LYS B 2 -18.11 -2.76 20.50
C LYS B 2 -18.44 -1.58 19.57
N LYS B 3 -18.67 -0.40 20.13
CA LYS B 3 -19.03 0.78 19.30
C LYS B 3 -18.27 2.05 19.71
N VAL B 4 -17.76 2.79 18.71
CA VAL B 4 -16.86 3.94 18.94
C VAL B 4 -17.32 5.16 18.13
N LEU B 5 -17.41 6.32 18.77
CA LEU B 5 -17.71 7.58 18.07
C LEU B 5 -16.41 8.23 17.63
N ILE B 6 -16.34 8.66 16.36
CA ILE B 6 -15.17 9.36 15.84
C ILE B 6 -15.40 10.88 15.93
N ALA B 7 -14.66 11.51 16.84
CA ALA B 7 -14.84 12.93 17.12
C ALA B 7 -13.88 13.74 16.26
N ASN B 8 -14.08 13.62 14.96
CA ASN B 8 -13.27 14.31 13.97
C ASN B 8 -13.93 14.31 12.60
N ARG B 9 -13.17 14.77 11.61
CA ARG B 9 -13.61 14.89 10.23
C ARG B 9 -12.49 14.49 9.27
N GLY B 10 -12.77 14.58 7.99
CA GLY B 10 -11.74 14.54 6.97
C GLY B 10 -11.15 13.17 6.80
N GLU B 11 -9.85 13.16 6.49
CA GLU B 11 -9.14 11.91 6.22
C GLU B 11 -8.88 11.12 7.49
N ILE B 12 -8.73 11.79 8.63
CA ILE B 12 -8.45 11.08 9.88
C ILE B 12 -9.67 10.32 10.43
N ALA B 13 -10.87 10.83 10.16
CA ALA B 13 -12.11 10.13 10.51
C ALA B 13 -12.17 8.87 9.65
N VAL B 14 -11.97 9.02 8.35
CA VAL B 14 -11.83 7.88 7.45
C VAL B 14 -10.78 6.89 8.01
N ARG B 15 -9.57 7.35 8.32
CA ARG B 15 -8.54 6.49 8.92
C ARG B 15 -9.04 5.71 10.14
N ILE B 16 -9.70 6.42 11.07
CA ILE B 16 -10.17 5.82 12.32
C ILE B 16 -11.26 4.78 12.04
N ILE B 17 -12.22 5.14 11.19
CA ILE B 17 -13.32 4.25 10.84
C ILE B 17 -12.79 2.95 10.23
N ARG B 18 -11.74 3.05 9.40
CA ARG B 18 -11.10 1.89 8.81
C ARG B 18 -10.49 0.99 9.88
N ALA B 19 -9.83 1.61 10.86
CA ALA B 19 -9.23 0.86 11.97
C ALA B 19 -10.29 0.14 12.83
N CYS B 20 -11.47 0.76 12.98
CA CYS B 20 -12.56 0.19 13.77
C CYS B 20 -13.13 -1.06 13.12
N ARG B 21 -13.36 -0.97 11.81
CA ARG B 21 -13.88 -2.09 11.01
C ARG B 21 -12.94 -3.29 10.98
N ASP B 22 -11.62 -3.04 10.99
CA ASP B 22 -10.61 -4.10 11.13
C ASP B 22 -10.78 -4.88 12.43
N LEU B 23 -11.24 -4.20 13.49
CA LEU B 23 -11.45 -4.82 14.79
C LEU B 23 -12.89 -5.31 15.02
N GLY B 24 -13.76 -5.15 14.02
CA GLY B 24 -15.16 -5.53 14.14
C GLY B 24 -15.99 -4.56 14.97
N ILE B 25 -15.50 -3.31 15.09
CA ILE B 25 -16.11 -2.28 15.93
C ILE B 25 -17.04 -1.37 15.11
N GLN B 26 -18.19 -1.08 15.68
CA GLN B 26 -19.19 -0.24 15.02
C GLN B 26 -18.80 1.22 15.17
N THR B 27 -19.22 2.04 14.21
CA THR B 27 -18.68 3.41 14.09
C THR B 27 -19.78 4.47 13.97
N VAL B 28 -19.59 5.56 14.71
CA VAL B 28 -20.47 6.70 14.67
C VAL B 28 -19.70 7.92 14.21
N ALA B 29 -19.98 8.33 12.98
CA ALA B 29 -19.50 9.59 12.44
C ALA B 29 -20.35 10.73 12.98
N ILE B 30 -19.72 11.89 13.16
CA ILE B 30 -20.39 13.16 13.32
C ILE B 30 -19.95 14.05 12.15
N TYR B 31 -20.75 15.06 11.83
CA TYR B 31 -20.39 16.03 10.80
C TYR B 31 -21.01 17.39 11.09
N SER B 32 -20.31 18.47 10.72
CA SER B 32 -20.92 19.81 10.71
C SER B 32 -21.84 19.93 9.51
N GLU B 33 -22.71 20.94 9.53
CA GLU B 33 -23.51 21.30 8.36
C GLU B 33 -22.72 21.45 7.07
N GLY B 34 -21.52 22.03 7.17
CA GLY B 34 -20.65 22.22 6.01
C GLY B 34 -20.04 20.93 5.46
N ASP B 35 -20.05 19.88 6.27
CA ASP B 35 -19.41 18.60 5.95
C ASP B 35 -20.39 17.51 5.54
N LYS B 36 -21.51 17.88 4.92
CA LYS B 36 -22.55 16.92 4.56
C LYS B 36 -22.12 15.86 3.54
N ASP B 37 -21.24 16.25 2.60
CA ASP B 37 -20.78 15.33 1.55
C ASP B 37 -19.58 14.45 1.99
N ALA B 38 -19.19 14.60 3.25
CA ALA B 38 -17.93 14.08 3.75
C ALA B 38 -17.87 12.56 3.66
N LEU B 39 -16.78 12.03 3.12
CA LEU B 39 -16.66 10.60 2.89
C LEU B 39 -16.82 9.79 4.19
N HIS B 40 -16.33 10.33 5.30
CA HIS B 40 -16.40 9.62 6.59
C HIS B 40 -17.83 9.39 7.08
N THR B 41 -18.76 10.26 6.65
CA THR B 41 -20.18 10.06 6.91
C THR B 41 -20.84 8.96 6.04
N GLN B 42 -20.24 8.65 4.88
CA GLN B 42 -20.72 7.53 4.04
C GLN B 42 -20.23 6.17 4.57
N ILE B 43 -18.95 6.09 4.92
CA ILE B 43 -18.36 4.79 5.32
C ILE B 43 -18.61 4.39 6.79
N ALA B 44 -18.92 5.37 7.64
CA ALA B 44 -19.39 5.10 8.99
C ALA B 44 -20.68 4.27 9.00
N ASP B 45 -20.98 3.60 10.11
CA ASP B 45 -22.21 2.80 10.23
C ASP B 45 -23.41 3.68 10.43
N GLU B 46 -23.20 4.81 11.11
CA GLU B 46 -24.20 5.87 11.23
C GLU B 46 -23.53 7.23 11.36
N ALA B 47 -24.24 8.27 10.92
CA ALA B 47 -23.70 9.62 10.92
C ALA B 47 -24.72 10.60 11.51
N TYR B 48 -24.23 11.57 12.27
CA TYR B 48 -25.11 12.57 12.91
C TYR B 48 -24.54 13.96 12.78
N CYS B 49 -25.43 14.93 12.60
CA CYS B 49 -25.07 16.33 12.58
C CYS B 49 -24.78 16.79 14.01
N VAL B 50 -23.60 17.38 14.23
CA VAL B 50 -23.22 17.95 15.55
C VAL B 50 -23.46 19.46 15.64
N GLY B 51 -23.77 20.08 14.51
CA GLY B 51 -24.08 21.50 14.50
C GLY B 51 -23.53 22.27 13.32
N PRO B 52 -23.55 23.61 13.44
CA PRO B 52 -23.16 24.50 12.36
C PRO B 52 -21.68 24.39 11.94
N THR B 53 -21.36 24.97 10.78
CA THR B 53 -20.03 24.81 10.15
C THR B 53 -18.84 25.21 11.02
N LEU B 54 -18.86 26.38 11.66
CA LEU B 54 -17.70 26.77 12.46
C LEU B 54 -17.46 25.72 13.54
N SER B 55 -16.20 25.29 13.67
CA SER B 55 -15.83 24.22 14.61
C SER B 55 -16.31 24.44 16.03
N LYS B 56 -16.32 25.69 16.47
CA LYS B 56 -16.72 26.02 17.84
C LYS B 56 -18.10 25.48 18.28
N ASP B 57 -19.00 25.25 17.32
CA ASP B 57 -20.38 24.77 17.55
C ASP B 57 -20.66 23.41 16.97
N SER B 58 -19.65 22.78 16.37
CA SER B 58 -19.81 21.44 15.79
C SER B 58 -18.78 20.48 16.38
N TYR B 59 -17.55 20.52 15.86
CA TYR B 59 -16.51 19.55 16.21
C TYR B 59 -15.87 19.77 17.58
N LEU B 60 -16.11 20.96 18.14
CA LEU B 60 -15.67 21.32 19.48
C LEU B 60 -16.86 21.49 20.44
N ASN B 61 -18.06 21.15 19.97
CA ASN B 61 -19.29 21.10 20.77
C ASN B 61 -19.31 19.83 21.64
N ILE B 62 -18.75 19.94 22.84
CA ILE B 62 -18.63 18.80 23.73
C ILE B 62 -19.98 18.29 24.17
N PRO B 63 -20.90 19.19 24.61
CA PRO B 63 -22.24 18.73 25.03
C PRO B 63 -22.94 17.87 23.99
N ASN B 64 -22.82 18.26 22.72
CA ASN B 64 -23.47 17.54 21.64
C ASN B 64 -22.77 16.24 21.30
N ILE B 65 -21.44 16.27 21.33
CA ILE B 65 -20.64 15.06 21.09
C ILE B 65 -20.92 14.00 22.17
N LEU B 66 -20.92 14.41 23.42
CA LEU B 66 -21.24 13.51 24.52
C LEU B 66 -22.68 12.97 24.43
N SER B 67 -23.64 13.83 24.05
CA SER B 67 -25.02 13.39 23.86
C SER B 67 -25.17 12.30 22.80
N ILE B 68 -24.50 12.46 21.66
CA ILE B 68 -24.59 11.46 20.58
C ILE B 68 -23.88 10.17 21.01
N ALA B 69 -22.73 10.27 21.65
CA ALA B 69 -22.01 9.07 22.10
C ALA B 69 -22.84 8.19 23.05
N THR B 70 -23.58 8.81 23.97
CA THR B 70 -24.39 8.06 24.94
C THR B 70 -25.74 7.68 24.33
N SER B 71 -26.35 8.61 23.59
CA SER B 71 -27.60 8.37 22.86
C SER B 71 -27.48 7.13 21.96
N THR B 72 -26.37 7.01 21.25
CA THR B 72 -26.15 5.90 20.34
C THR B 72 -25.53 4.68 21.02
N GLY B 73 -25.15 4.81 22.29
CA GLY B 73 -24.61 3.68 23.05
C GLY B 73 -23.18 3.28 22.69
N CYS B 74 -22.32 4.28 22.48
CA CYS B 74 -20.93 4.05 22.17
C CYS B 74 -20.16 3.66 23.45
N ASP B 75 -19.13 2.85 23.29
CA ASP B 75 -18.21 2.53 24.39
C ASP B 75 -17.07 3.55 24.52
N GLY B 76 -16.55 4.02 23.39
CA GLY B 76 -15.48 5.00 23.41
C GLY B 76 -15.63 6.12 22.41
N VAL B 77 -14.70 7.07 22.51
CA VAL B 77 -14.58 8.20 21.60
C VAL B 77 -13.12 8.32 21.18
N HIS B 78 -12.86 8.30 19.87
CA HIS B 78 -11.52 8.54 19.32
C HIS B 78 -11.49 9.98 18.79
N PRO B 79 -10.64 10.83 19.36
CA PRO B 79 -10.61 12.24 18.99
C PRO B 79 -9.71 12.60 17.79
N GLY B 80 -9.09 11.63 17.14
CA GLY B 80 -8.15 11.85 16.06
C GLY B 80 -6.96 12.74 16.45
N TYR B 81 -6.67 13.70 15.61
CA TYR B 81 -5.75 14.79 15.94
C TYR B 81 -6.47 16.09 15.69
N GLY B 82 -6.03 17.15 16.35
CA GLY B 82 -6.74 18.41 16.34
C GLY B 82 -8.02 18.33 17.18
N PHE B 83 -8.76 19.42 17.15
CA PHE B 83 -10.03 19.52 17.84
C PHE B 83 -9.92 19.18 19.32
N LEU B 84 -10.36 18.00 19.75
CA LEU B 84 -10.47 17.70 21.17
C LEU B 84 -9.43 16.69 21.67
N ALA B 85 -8.44 16.38 20.84
CA ALA B 85 -7.48 15.30 21.12
C ALA B 85 -6.58 15.60 22.30
N GLU B 86 -6.25 16.88 22.46
CA GLU B 86 -5.39 17.33 23.55
C GLU B 86 -6.12 18.19 24.59
N ASN B 87 -7.44 17.97 24.65
CA ASN B 87 -8.31 18.65 25.59
C ASN B 87 -8.51 17.73 26.81
N ALA B 88 -7.78 18.02 27.89
CA ALA B 88 -7.85 17.20 29.12
C ALA B 88 -9.26 17.16 29.69
N ASP B 89 -9.96 18.27 29.59
CA ASP B 89 -11.26 18.42 30.21
C ASP B 89 -12.33 17.59 29.51
N PHE B 90 -12.19 17.43 28.19
CA PHE B 90 -13.06 16.54 27.43
C PHE B 90 -12.76 15.07 27.73
N ALA B 91 -11.47 14.71 27.80
CA ALA B 91 -11.08 13.37 28.28
C ALA B 91 -11.69 13.04 29.64
N GLU B 92 -11.64 13.98 30.59
CA GLU B 92 -12.27 13.83 31.91
C GLU B 92 -13.75 13.61 31.75
N LEU B 93 -14.38 14.49 31.00
CA LEU B 93 -15.83 14.44 30.79
C LEU B 93 -16.27 13.10 30.22
N CYS B 94 -15.57 12.59 29.21
CA CYS B 94 -15.81 11.23 28.67
C CYS B 94 -15.79 10.19 29.78
N GLU B 95 -14.71 10.21 30.54
CA GLU B 95 -14.48 9.30 31.65
C GLU B 95 -15.63 9.35 32.67
N ALA B 96 -16.12 10.56 32.96
CA ALA B 96 -17.28 10.77 33.84
C ALA B 96 -18.59 10.29 33.22
N CYS B 97 -18.66 10.19 31.90
CA CYS B 97 -19.81 9.62 31.16
C CYS B 97 -19.67 8.12 30.88
N GLN B 98 -18.66 7.47 31.46
CA GLN B 98 -18.41 6.05 31.18
C GLN B 98 -18.09 5.81 29.68
N LEU B 99 -17.32 6.72 29.11
CA LEU B 99 -16.87 6.60 27.72
C LEU B 99 -15.37 6.50 27.76
N LYS B 100 -14.83 5.48 27.10
CA LYS B 100 -13.40 5.34 26.95
C LYS B 100 -12.89 6.35 25.94
N PHE B 101 -12.16 7.35 26.43
CA PHE B 101 -11.39 8.25 25.58
C PHE B 101 -10.26 7.43 24.99
N ILE B 102 -10.27 7.27 23.67
CA ILE B 102 -9.26 6.48 22.97
C ILE B 102 -7.99 7.34 22.93
N GLY B 103 -7.13 7.16 23.93
CA GLY B 103 -5.94 7.96 24.09
C GLY B 103 -5.46 7.90 25.53
N PRO B 104 -4.49 8.74 25.90
CA PRO B 104 -3.99 8.79 27.27
C PRO B 104 -5.01 9.38 28.27
N SER B 105 -4.68 9.27 29.55
CA SER B 105 -5.54 9.78 30.60
C SER B 105 -5.52 11.29 30.61
N TYR B 106 -6.57 11.89 31.15
CA TYR B 106 -6.64 13.33 31.23
C TYR B 106 -5.46 13.90 32.03
N GLN B 107 -5.07 13.19 33.09
CA GLN B 107 -3.91 13.56 33.90
C GLN B 107 -2.67 13.69 33.05
N SER B 108 -2.37 12.67 32.26
CA SER B 108 -1.29 12.74 31.27
C SER B 108 -1.48 13.88 30.26
N ILE B 109 -2.70 14.10 29.80
CA ILE B 109 -2.99 15.20 28.88
C ILE B 109 -2.69 16.54 29.54
N GLN B 110 -3.03 16.69 30.83
CA GLN B 110 -2.68 17.89 31.62
C GLN B 110 -1.18 18.08 31.78
N LYS B 111 -0.47 17.04 32.19
CA LYS B 111 0.96 17.15 32.47
C LYS B 111 1.79 17.58 31.25
N MET B 112 1.59 16.88 30.13
CA MET B 112 2.38 17.14 28.91
C MET B 112 1.79 18.24 28.00
N GLY B 113 0.59 18.70 28.33
CA GLY B 113 -0.11 19.72 27.56
C GLY B 113 0.00 21.12 28.13
N ILE B 114 0.54 21.25 29.34
CA ILE B 114 1.03 22.55 29.80
C ILE B 114 2.52 22.45 29.60
N LYS B 115 3.00 23.06 28.52
CA LYS B 115 4.29 22.72 27.92
C LYS B 115 5.48 23.07 28.79
N ASP B 116 5.34 24.12 29.61
CA ASP B 116 6.41 24.48 30.53
C ASP B 116 6.51 23.45 31.66
N VAL B 117 5.36 22.96 32.13
CA VAL B 117 5.31 21.89 33.13
C VAL B 117 5.82 20.56 32.54
N ALA B 118 5.40 20.26 31.32
CA ALA B 118 5.95 19.13 30.56
C ALA B 118 7.46 19.10 30.62
N LYS B 119 8.07 20.24 30.26
CA LYS B 119 9.53 20.44 30.33
C LYS B 119 10.11 20.09 31.69
N ALA B 120 9.56 20.66 32.75
CA ALA B 120 10.01 20.40 34.12
C ALA B 120 9.91 18.91 34.49
N GLU B 121 8.83 18.26 34.07
CA GLU B 121 8.67 16.83 34.25
C GLU B 121 9.79 16.04 33.51
N MET B 122 10.23 16.55 32.37
CA MET B 122 11.25 15.85 31.58
C MET B 122 12.62 15.93 32.23
N ILE B 123 12.90 17.05 32.92
CA ILE B 123 14.17 17.21 33.63
C ILE B 123 14.25 16.22 34.79
N LYS B 124 13.15 16.09 35.53
CA LYS B 124 13.02 15.06 36.58
C LYS B 124 13.16 13.65 36.02
N ALA B 125 12.65 13.44 34.80
CA ALA B 125 12.77 12.16 34.10
C ALA B 125 14.15 11.93 33.48
N ASN B 126 15.06 12.90 33.68
CA ASN B 126 16.42 12.84 33.15
C ASN B 126 16.44 12.83 31.63
N VAL B 127 15.54 13.63 31.04
CA VAL B 127 15.48 13.84 29.60
C VAL B 127 15.94 15.28 29.35
N PRO B 128 16.86 15.47 28.38
CA PRO B 128 17.37 16.81 28.08
C PRO B 128 16.28 17.69 27.49
N VAL B 129 16.28 18.96 27.85
CA VAL B 129 15.31 19.92 27.32
C VAL B 129 16.05 21.14 26.79
N VAL B 130 15.38 21.91 25.93
CA VAL B 130 15.99 23.10 25.38
C VAL B 130 16.15 24.12 26.52
N PRO B 131 17.34 24.74 26.62
CA PRO B 131 17.60 25.77 27.64
C PRO B 131 16.58 26.90 27.63
N GLY B 132 16.19 27.37 28.81
CA GLY B 132 15.22 28.44 28.91
C GLY B 132 14.88 28.80 30.34
N SER B 133 13.71 29.42 30.51
CA SER B 133 13.17 29.78 31.83
C SER B 133 12.58 28.56 32.52
N ASP B 134 12.56 28.60 33.85
CA ASP B 134 11.87 27.59 34.65
C ASP B 134 10.45 28.08 34.89
N GLY B 135 9.51 27.52 34.14
CA GLY B 135 8.12 27.93 34.19
C GLY B 135 7.83 29.16 33.35
N LEU B 136 6.77 29.86 33.71
CA LEU B 136 6.29 30.99 32.94
C LEU B 136 7.02 32.26 33.34
N MET B 137 7.04 33.21 32.43
CA MET B 137 7.66 34.50 32.69
C MET B 137 6.53 35.42 33.12
N LYS B 138 6.66 35.95 34.32
CA LYS B 138 5.67 36.88 34.86
C LYS B 138 5.42 38.04 33.89
N ASP B 139 6.51 38.59 33.38
CA ASP B 139 6.55 39.96 32.86
C ASP B 139 7.43 40.07 31.64
N VAL B 140 7.19 41.10 30.83
CA VAL B 140 8.16 41.53 29.82
C VAL B 140 9.52 41.81 30.47
N SER B 141 9.52 42.39 31.67
CA SER B 141 10.74 42.57 32.46
C SER B 141 11.44 41.25 32.71
N GLU B 142 10.67 40.25 33.14
CA GLU B 142 11.22 38.92 33.41
C GLU B 142 11.71 38.26 32.11
N ALA B 143 11.02 38.51 31.00
CA ALA B 143 11.47 38.01 29.69
C ALA B 143 12.81 38.63 29.32
N LYS B 144 12.94 39.94 29.52
CA LYS B 144 14.18 40.68 29.25
C LYS B 144 15.38 40.08 30.00
N LYS B 145 15.17 39.77 31.28
CA LYS B 145 16.21 39.23 32.16
C LYS B 145 16.63 37.83 31.75
N ILE B 146 15.66 36.96 31.50
CA ILE B 146 15.92 35.59 31.06
C ILE B 146 16.58 35.58 29.69
N ALA B 147 16.09 36.42 28.78
CA ALA B 147 16.63 36.46 27.41
C ALA B 147 18.08 36.92 27.39
N LYS B 148 18.46 37.74 28.36
CA LYS B 148 19.85 38.18 28.52
C LYS B 148 20.68 37.02 29.07
N LYS B 149 20.10 36.25 29.99
CA LYS B 149 20.74 35.06 30.56
C LYS B 149 20.87 33.93 29.55
N ILE B 150 19.81 33.66 28.78
CA ILE B 150 19.83 32.62 27.75
C ILE B 150 20.72 33.01 26.55
N GLY B 151 20.74 34.32 26.26
CA GLY B 151 21.37 34.85 25.06
C GLY B 151 20.40 34.81 23.89
N TYR B 152 20.27 35.94 23.19
CA TYR B 152 19.51 35.98 21.94
C TYR B 152 20.23 35.15 20.87
N PRO B 153 19.47 34.58 19.92
CA PRO B 153 18.02 34.66 19.73
C PRO B 153 17.20 33.72 20.64
N VAL B 154 16.02 34.19 21.01
CA VAL B 154 15.08 33.42 21.82
C VAL B 154 13.75 33.24 21.10
N ILE B 155 12.95 32.33 21.62
CA ILE B 155 11.63 32.05 21.10
C ILE B 155 10.67 32.04 22.30
N ILE B 156 9.65 32.89 22.23
CA ILE B 156 8.61 32.95 23.25
C ILE B 156 7.45 32.04 22.80
N LYS B 157 7.07 31.10 23.66
CA LYS B 157 6.11 30.05 23.32
C LYS B 157 4.98 29.99 24.35
N ALA B 158 3.73 29.93 23.87
CA ALA B 158 2.56 29.74 24.73
C ALA B 158 2.64 28.36 25.39
N THR B 159 2.39 28.29 26.68
CA THR B 159 2.50 27.01 27.39
C THR B 159 1.30 26.11 27.08
N ALA B 160 0.14 26.72 26.88
CA ALA B 160 -1.07 25.99 26.46
C ALA B 160 -1.15 25.91 24.93
N GLY B 161 -0.04 26.21 24.27
CA GLY B 161 0.00 26.32 22.83
C GLY B 161 -0.14 25.01 22.10
N GLY B 162 -0.90 25.06 21.01
CA GLY B 162 -0.98 23.98 20.02
C GLY B 162 -1.24 24.59 18.64
N GLY B 163 -1.19 23.76 17.61
CA GLY B 163 -1.35 24.21 16.23
C GLY B 163 -0.38 25.31 15.77
N GLY B 164 0.72 25.52 16.51
CA GLY B 164 1.74 26.46 16.12
C GLY B 164 1.39 27.93 16.32
N LYS B 165 0.31 28.21 17.06
CA LYS B 165 -0.04 29.58 17.42
C LYS B 165 0.57 29.92 18.78
N GLY B 166 0.91 31.19 18.96
CA GLY B 166 1.48 31.68 20.21
C GLY B 166 2.95 31.37 20.32
N ILE B 167 3.66 31.48 19.20
CA ILE B 167 5.11 31.26 19.12
C ILE B 167 5.77 32.32 18.23
N ARG B 168 6.72 33.07 18.77
CA ARG B 168 7.55 33.94 17.92
C ARG B 168 8.96 34.23 18.44
N VAL B 169 9.85 34.39 17.46
CA VAL B 169 11.27 34.58 17.69
C VAL B 169 11.53 36.03 18.05
N ALA B 170 12.46 36.23 18.98
CA ALA B 170 12.94 37.55 19.34
C ALA B 170 14.45 37.51 19.13
N ARG B 171 14.95 38.36 18.22
CA ARG B 171 16.39 38.44 17.96
C ARG B 171 17.08 39.54 18.76
N ASP B 172 16.30 40.47 19.31
CA ASP B 172 16.84 41.48 20.19
C ASP B 172 15.79 41.98 21.19
N GLU B 173 16.21 42.84 22.10
CA GLU B 173 15.37 43.38 23.16
C GLU B 173 14.05 43.90 22.61
N LYS B 174 14.12 44.83 21.68
CA LYS B 174 12.90 45.49 21.19
C LYS B 174 11.93 44.49 20.58
N GLU B 175 12.43 43.50 19.84
CA GLU B 175 11.56 42.44 19.31
C GLU B 175 10.89 41.69 20.45
N LEU B 176 11.66 41.32 21.47
CA LEU B 176 11.13 40.61 22.63
C LEU B 176 10.05 41.40 23.36
N GLU B 177 10.25 42.71 23.52
CA GLU B 177 9.23 43.57 24.10
C GLU B 177 7.96 43.50 23.28
N THR B 178 8.11 43.52 21.95
CA THR B 178 6.97 43.47 21.04
C THR B 178 6.35 42.07 20.93
N GLY B 179 7.20 41.06 20.81
CA GLY B 179 6.75 39.68 20.74
C GLY B 179 6.00 39.18 21.97
N PHE B 180 6.43 39.63 23.16
CA PHE B 180 5.84 39.19 24.42
C PHE B 180 4.35 39.48 24.48
N ARG B 181 4.01 40.71 24.11
CA ARG B 181 2.66 41.24 24.24
C ARG B 181 1.72 40.67 23.20
N MET B 182 2.25 40.50 21.97
CA MET B 182 1.49 39.91 20.87
C MET B 182 1.18 38.45 21.12
N THR B 183 2.15 37.74 21.67
CA THR B 183 2.02 36.31 21.95
C THR B 183 1.14 36.03 23.17
N GLU B 184 1.21 36.91 24.16
CA GLU B 184 0.34 36.79 25.34
C GLU B 184 -1.12 37.00 24.95
N GLN B 185 -1.38 38.00 24.11
CA GLN B 185 -2.73 38.28 23.60
C GLN B 185 -3.26 37.13 22.75
N GLU B 186 -2.45 36.71 21.79
CA GLU B 186 -2.82 35.61 20.90
C GLU B 186 -3.09 34.27 21.63
N ALA B 187 -2.27 33.94 22.62
CA ALA B 187 -2.44 32.69 23.38
C ALA B 187 -3.67 32.74 24.33
N GLN B 188 -3.94 33.90 24.89
CA GLN B 188 -5.16 34.13 25.67
C GLN B 188 -6.39 33.88 24.82
N THR B 189 -6.48 34.60 23.69
CA THR B 189 -7.57 34.45 22.74
C THR B 189 -7.73 32.99 22.32
N ALA B 190 -6.67 32.42 21.78
CA ALA B 190 -6.69 31.05 21.24
C ALA B 190 -6.96 29.96 22.28
N PHE B 191 -6.39 30.10 23.47
CA PHE B 191 -6.35 28.97 24.41
C PHE B 191 -6.98 29.27 25.78
N GLY B 192 -7.35 30.53 26.01
CA GLY B 192 -7.78 30.99 27.32
C GLY B 192 -6.67 30.94 28.35
N ASN B 193 -5.44 30.82 27.90
CA ASN B 193 -4.27 30.80 28.77
C ASN B 193 -3.14 31.63 28.14
N GLY B 194 -2.84 32.76 28.77
CA GLY B 194 -1.88 33.73 28.24
C GLY B 194 -0.44 33.54 28.67
N GLY B 195 -0.17 32.49 29.46
CA GLY B 195 1.16 32.27 30.01
C GLY B 195 2.19 31.83 28.98
N LEU B 196 3.35 32.51 28.98
CA LEU B 196 4.44 32.21 28.01
C LEU B 196 5.66 31.66 28.74
N TYR B 197 6.41 30.80 28.04
CA TYR B 197 7.76 30.43 28.46
C TYR B 197 8.76 30.71 27.33
N MET B 198 10.04 30.61 27.65
CA MET B 198 11.08 31.03 26.74
C MET B 198 12.15 29.98 26.64
N GLU B 199 12.65 29.80 25.41
CA GLU B 199 13.75 28.90 25.13
C GLU B 199 14.76 29.57 24.22
N LYS B 200 15.97 29.02 24.16
CA LYS B 200 16.91 29.40 23.11
C LYS B 200 16.27 29.02 21.79
N PHE B 201 16.33 29.93 20.81
CA PHE B 201 15.86 29.62 19.47
C PHE B 201 16.94 28.89 18.70
N ILE B 202 16.77 27.59 18.50
CA ILE B 202 17.77 26.78 17.79
C ILE B 202 17.64 27.01 16.29
N GLU B 203 18.75 27.43 15.69
CA GLU B 203 18.74 27.90 14.31
C GLU B 203 19.18 26.87 13.27
N ASN B 204 20.05 25.95 13.67
CA ASN B 204 20.51 24.89 12.76
C ASN B 204 20.11 23.50 13.25
N PHE B 205 18.90 23.06 12.92
CA PHE B 205 18.46 21.77 13.47
C PHE B 205 17.59 20.94 12.55
N ARG B 206 17.38 19.72 13.00
CA ARG B 206 16.61 18.74 12.27
C ARG B 206 15.45 18.31 13.19
N HIS B 207 14.23 18.33 12.65
CA HIS B 207 13.05 17.90 13.42
C HIS B 207 12.92 16.37 13.48
N ILE B 208 13.34 15.80 14.60
CA ILE B 208 13.31 14.35 14.84
C ILE B 208 12.28 14.07 15.96
N GLU B 209 11.26 13.28 15.65
CA GLU B 209 10.21 12.97 16.62
C GLU B 209 10.09 11.45 16.72
N ILE B 210 9.82 10.98 17.93
CA ILE B 210 9.79 9.54 18.20
C ILE B 210 8.38 9.12 18.52
N GLN B 211 7.94 8.04 17.86
CA GLN B 211 6.65 7.44 18.14
C GLN B 211 6.73 6.53 19.36
N ILE B 212 5.82 6.81 20.29
CA ILE B 212 5.63 6.05 21.51
C ILE B 212 4.25 5.39 21.53
N VAL B 213 4.15 4.22 22.14
CA VAL B 213 2.84 3.60 22.48
C VAL B 213 3.01 2.93 23.81
N GLY B 214 2.12 3.23 24.74
CA GLY B 214 2.05 2.51 26.01
C GLY B 214 0.70 1.84 26.18
N ASP B 215 0.65 0.79 27.00
CA ASP B 215 -0.64 0.16 27.33
C ASP B 215 -1.07 0.45 28.79
N SER B 216 -2.14 -0.21 29.22
CA SER B 216 -2.67 -0.02 30.58
C SER B 216 -1.96 -0.91 31.63
N TYR B 217 -0.85 -1.55 31.23
CA TYR B 217 -0.11 -2.43 32.14
C TYR B 217 1.33 -2.01 32.38
N GLY B 218 1.67 -0.78 32.02
CA GLY B 218 3.01 -0.25 32.22
C GLY B 218 4.01 -0.53 31.12
N ASN B 219 3.57 -1.12 30.01
CA ASN B 219 4.46 -1.36 28.87
C ASN B 219 4.50 -0.15 27.96
N VAL B 220 5.71 0.36 27.67
CA VAL B 220 5.89 1.42 26.68
C VAL B 220 6.96 1.01 25.65
N ILE B 221 6.57 1.06 24.37
CA ILE B 221 7.50 0.85 23.23
C ILE B 221 7.67 2.13 22.40
N HIS B 222 8.76 2.18 21.64
CA HIS B 222 8.94 3.21 20.61
C HIS B 222 9.09 2.55 19.21
N LEU B 223 8.53 3.20 18.18
CA LEU B 223 8.57 2.69 16.81
C LEU B 223 9.50 3.52 15.92
N GLY B 224 10.60 3.98 16.51
CA GLY B 224 11.62 4.71 15.82
C GLY B 224 11.22 6.15 15.58
N GLU B 225 11.93 6.79 14.66
CA GLU B 225 11.76 8.22 14.41
C GLU B 225 11.05 8.53 13.10
N ARG B 226 10.50 9.73 13.06
CA ARG B 226 10.09 10.37 11.82
C ARG B 226 10.87 11.67 11.70
N ASP B 227 11.40 11.91 10.50
CA ASP B 227 12.08 13.17 10.20
C ASP B 227 11.11 14.13 9.50
N CYS B 228 10.73 15.20 10.18
CA CYS B 228 9.75 16.17 9.68
C CYS B 228 10.41 17.54 9.44
N THR B 229 11.60 17.54 8.88
CA THR B 229 12.38 18.76 8.76
C THR B 229 11.87 19.64 7.62
N ILE B 230 11.34 19.03 6.55
CA ILE B 230 10.73 19.82 5.47
C ILE B 230 9.40 20.45 5.95
N GLN B 231 9.48 21.72 6.37
CA GLN B 231 8.33 22.45 6.89
C GLN B 231 8.15 23.72 6.10
N ARG B 232 6.94 24.26 6.13
CA ARG B 232 6.68 25.61 5.63
C ARG B 232 5.82 26.36 6.64
N ARG B 233 6.21 27.63 6.90
CA ARG B 233 5.78 28.39 8.09
C ARG B 233 5.34 27.51 9.24
N MET B 234 6.31 26.80 9.83
CA MET B 234 6.11 26.06 11.08
C MET B 234 5.42 24.69 10.89
N GLN B 235 4.68 24.53 9.79
CA GLN B 235 3.87 23.34 9.53
C GLN B 235 4.61 22.27 8.70
N LYS B 236 4.41 21.00 9.05
CA LYS B 236 5.11 19.88 8.41
C LYS B 236 4.57 19.66 7.00
N LEU B 237 5.43 19.27 6.06
CA LEU B 237 5.04 19.09 4.65
C LEU B 237 5.41 17.73 4.10
N VAL B 238 6.65 17.34 4.35
CA VAL B 238 7.17 16.04 3.94
C VAL B 238 7.80 15.39 5.16
N GLU B 239 7.40 14.16 5.45
CA GLU B 239 7.95 13.39 6.55
C GLU B 239 8.56 12.11 6.03
N GLU B 240 9.63 11.65 6.68
CA GLU B 240 10.21 10.36 6.31
C GLU B 240 10.70 9.57 7.51
N ALA B 241 10.67 8.25 7.36
CA ALA B 241 11.23 7.30 8.32
C ALA B 241 12.09 6.27 7.58
N PRO B 242 13.27 5.94 8.12
CA PRO B 242 13.94 6.58 9.25
C PRO B 242 14.52 7.93 8.82
N SER B 243 15.03 8.70 9.77
CA SER B 243 15.71 9.95 9.44
C SER B 243 16.98 9.62 8.64
N PRO B 244 17.17 10.24 7.46
CA PRO B 244 18.34 9.95 6.62
C PRO B 244 19.71 10.25 7.23
N ILE B 245 19.75 11.09 8.28
CA ILE B 245 21.01 11.59 8.84
C ILE B 245 21.37 10.98 10.21
N LEU B 246 20.72 9.88 10.58
CA LEU B 246 20.77 9.36 11.93
C LEU B 246 21.28 7.91 11.93
N ASP B 247 22.31 7.66 12.74
CA ASP B 247 22.85 6.31 12.98
C ASP B 247 22.06 5.58 14.07
N ASP B 248 22.21 4.27 14.16
CA ASP B 248 21.34 3.49 15.07
C ASP B 248 21.68 3.65 16.56
N GLU B 249 22.85 4.20 16.88
CA GLU B 249 23.20 4.50 18.28
C GLU B 249 22.43 5.71 18.78
N THR B 250 22.29 6.74 17.95
CA THR B 250 21.44 7.89 18.26
C THR B 250 19.96 7.52 18.20
N ARG B 251 19.60 6.61 17.29
CA ARG B 251 18.23 6.07 17.22
C ARG B 251 17.83 5.44 18.56
N ARG B 252 18.73 4.65 19.14
CA ARG B 252 18.52 4.00 20.43
CA ARG B 252 18.44 4.01 20.42
C ARG B 252 18.45 5.02 21.57
N GLU B 253 19.39 5.96 21.56
CA GLU B 253 19.46 7.02 22.55
C GLU B 253 18.15 7.80 22.62
N MET B 254 17.68 8.23 21.45
CA MET B 254 16.48 9.06 21.38
C MET B 254 15.21 8.25 21.64
N GLY B 255 15.20 6.99 21.23
CA GLY B 255 14.11 6.07 21.55
C GLY B 255 14.02 5.80 23.05
N ASN B 256 15.16 5.57 23.69
CA ASN B 256 15.20 5.38 25.14
C ASN B 256 14.84 6.64 25.88
N ALA B 257 15.24 7.79 25.35
CA ALA B 257 14.83 9.08 25.91
C ALA B 257 13.33 9.24 25.84
N ALA B 258 12.76 8.92 24.68
CA ALA B 258 11.32 8.97 24.47
C ALA B 258 10.57 8.02 25.43
N VAL B 259 11.09 6.81 25.60
CA VAL B 259 10.44 5.82 26.47
C VAL B 259 10.46 6.26 27.94
N ARG B 260 11.59 6.76 28.43
CA ARG B 260 11.67 7.37 29.78
C ARG B 260 10.61 8.46 29.96
N ALA B 261 10.49 9.33 28.97
CA ALA B 261 9.53 10.43 29.00
C ALA B 261 8.10 9.92 29.15
N ALA B 262 7.78 8.90 28.36
CA ALA B 262 6.45 8.31 28.36
C ALA B 262 6.07 7.76 29.74
N LYS B 263 6.89 6.87 30.29
CA LYS B 263 6.56 6.26 31.58
C LYS B 263 6.77 7.16 32.78
N ALA B 264 7.46 8.29 32.59
CA ALA B 264 7.56 9.31 33.64
C ALA B 264 6.19 9.86 33.99
N VAL B 265 5.30 9.91 32.98
CA VAL B 265 3.94 10.40 33.15
C VAL B 265 2.90 9.26 33.04
N ASN B 266 3.35 8.03 33.30
CA ASN B 266 2.52 6.84 33.14
C ASN B 266 1.63 6.94 31.90
N TYR B 267 2.27 7.09 30.74
CA TYR B 267 1.56 7.39 29.50
C TYR B 267 0.94 6.14 28.88
N GLU B 268 -0.35 6.21 28.57
CA GLU B 268 -1.05 5.11 27.93
C GLU B 268 -1.53 5.49 26.52
N ASN B 269 -1.50 4.50 25.63
CA ASN B 269 -1.87 4.67 24.23
C ASN B 269 -0.78 5.41 23.44
N ALA B 270 -1.14 6.04 22.30
CA ALA B 270 -0.15 6.57 21.35
C ALA B 270 0.17 8.04 21.60
N GLY B 271 1.46 8.33 21.62
CA GLY B 271 1.95 9.69 21.65
C GLY B 271 3.23 9.82 20.85
N THR B 272 3.63 11.07 20.62
CA THR B 272 4.87 11.37 19.92
C THR B 272 5.67 12.40 20.73
N ILE B 273 6.94 12.10 20.91
CA ILE B 273 7.86 13.00 21.57
C ILE B 273 8.65 13.67 20.46
N GLU B 274 8.60 14.99 20.41
CA GLU B 274 9.30 15.78 19.42
C GLU B 274 10.62 16.23 20.00
N PHE B 275 11.71 15.91 19.30
CA PHE B 275 13.04 16.41 19.66
C PHE B 275 13.57 17.43 18.63
N ILE B 276 14.31 18.41 19.15
CA ILE B 276 15.20 19.24 18.35
C ILE B 276 16.56 18.56 18.29
N TYR B 277 16.97 18.17 17.09
CA TYR B 277 18.30 17.62 16.85
C TYR B 277 19.22 18.71 16.29
N ASP B 278 20.09 19.24 17.15
CA ASP B 278 20.92 20.39 16.83
C ASP B 278 22.14 19.94 16.02
N LEU B 279 22.23 20.42 14.78
CA LEU B 279 23.29 19.98 13.87
C LEU B 279 24.67 20.61 14.19
N ASN B 280 24.71 21.60 15.08
CA ASN B 280 25.99 22.20 15.47
C ASN B 280 26.82 21.28 16.36
N ASP B 281 26.16 20.63 17.32
CA ASP B 281 26.84 19.68 18.21
C ASP B 281 26.28 18.24 18.19
N ASN B 282 25.29 17.98 17.32
CA ASN B 282 24.68 16.66 17.21
C ASN B 282 24.07 16.21 18.53
N LYS B 283 23.31 17.13 19.13
CA LYS B 283 22.68 16.92 20.42
C LYS B 283 21.17 17.01 20.25
N PHE B 284 20.44 16.19 21.00
CA PHE B 284 18.98 16.24 20.96
C PHE B 284 18.37 16.79 22.24
N TYR B 285 17.30 17.54 22.06
CA TYR B 285 16.60 18.24 23.12
C TYR B 285 15.10 17.99 22.94
N PHE B 286 14.42 17.66 24.04
CA PHE B 286 12.97 17.54 24.06
C PHE B 286 12.37 18.92 23.87
N MET B 287 11.46 19.01 22.91
CA MET B 287 10.73 20.24 22.61
C MET B 287 9.30 20.16 23.14
N GLU B 288 8.61 19.07 22.81
CA GLU B 288 7.27 18.78 23.34
C GLU B 288 6.82 17.35 23.06
N MET B 289 5.72 16.98 23.73
CA MET B 289 4.98 15.76 23.43
C MET B 289 3.64 16.09 22.77
N ASN B 290 3.30 15.35 21.72
CA ASN B 290 1.94 15.37 21.17
C ASN B 290 1.19 14.16 21.71
N THR B 291 0.25 14.40 22.63
CA THR B 291 -0.45 13.33 23.33
C THR B 291 -1.61 12.78 22.49
N ARG B 292 -1.27 12.29 21.31
CA ARG B 292 -2.25 11.89 20.33
C ARG B 292 -1.56 11.22 19.14
N ILE B 293 -2.35 10.59 18.27
CA ILE B 293 -1.87 10.17 16.95
C ILE B 293 -1.56 11.47 16.18
N GLN B 294 -0.70 11.37 15.17
CA GLN B 294 -0.35 12.53 14.32
C GLN B 294 -0.76 12.31 12.86
N VAL B 295 -0.69 13.38 12.08
CA VAL B 295 -0.98 13.32 10.65
C VAL B 295 -0.02 12.31 10.02
N GLU B 296 1.25 12.38 10.40
CA GLU B 296 2.31 11.59 9.76
C GLU B 296 2.49 10.16 10.23
N HIS B 297 1.58 9.62 11.03
CA HIS B 297 1.75 8.25 11.55
C HIS B 297 2.00 7.17 10.49
N PRO B 298 1.38 7.30 9.29
CA PRO B 298 1.49 6.20 8.33
C PRO B 298 2.88 5.87 7.81
N VAL B 299 3.81 6.83 7.81
CA VAL B 299 5.19 6.56 7.35
C VAL B 299 5.90 5.60 8.32
N THR B 300 5.54 5.70 9.60
CA THR B 300 6.03 4.80 10.64
C THR B 300 5.43 3.41 10.47
N GLU B 301 4.14 3.38 10.14
CA GLU B 301 3.40 2.14 10.01
C GLU B 301 3.97 1.29 8.88
N MET B 302 4.36 1.92 7.78
CA MET B 302 4.92 1.20 6.63
C MET B 302 6.32 0.68 6.93
N VAL B 303 7.17 1.48 7.57
CA VAL B 303 8.51 1.00 7.90
C VAL B 303 8.53 -0.06 9.00
N THR B 304 7.53 -0.02 9.90
CA THR B 304 7.47 -0.98 11.03
C THR B 304 6.48 -2.10 10.85
N GLY B 305 5.50 -1.90 9.96
CA GLY B 305 4.44 -2.89 9.74
C GLY B 305 3.37 -2.91 10.81
N ILE B 306 3.35 -1.87 11.64
CA ILE B 306 2.42 -1.80 12.76
C ILE B 306 1.29 -0.85 12.44
N ASP B 307 0.05 -1.32 12.62
CA ASP B 307 -1.14 -0.50 12.49
C ASP B 307 -1.35 0.26 13.81
N LEU B 308 -0.93 1.52 13.83
CA LEU B 308 -0.93 2.36 15.04
C LEU B 308 -2.31 2.74 15.53
N VAL B 309 -3.24 3.03 14.62
CA VAL B 309 -4.60 3.45 14.98
C VAL B 309 -5.44 2.26 15.47
N LYS B 310 -5.21 1.09 14.89
CA LYS B 310 -5.79 -0.14 15.41
C LYS B 310 -5.20 -0.44 16.79
N LEU B 311 -3.91 -0.14 16.97
CA LEU B 311 -3.24 -0.35 18.24
C LEU B 311 -3.78 0.61 19.31
N GLN B 312 -4.18 1.80 18.92
CA GLN B 312 -4.82 2.73 19.87
C GLN B 312 -6.11 2.11 20.43
N LEU B 313 -6.90 1.54 19.54
CA LEU B 313 -8.15 0.90 19.91
C LEU B 313 -7.90 -0.35 20.73
N GLN B 314 -6.97 -1.17 20.27
CA GLN B 314 -6.52 -2.33 21.02
C GLN B 314 -6.09 -1.95 22.45
N VAL B 315 -5.20 -0.99 22.59
CA VAL B 315 -4.80 -0.48 23.92
C VAL B 315 -6.00 -0.01 24.78
N ALA B 316 -6.93 0.71 24.14
CA ALA B 316 -8.13 1.26 24.80
C ALA B 316 -9.16 0.19 25.24
N MET B 317 -9.15 -0.97 24.58
CA MET B 317 -9.96 -2.14 25.02
C MET B 317 -9.23 -3.01 26.05
N GLY B 318 -8.06 -2.59 26.52
CA GLY B 318 -7.35 -3.31 27.57
C GLY B 318 -6.43 -4.40 27.07
N ASP B 319 -6.01 -4.31 25.80
CA ASP B 319 -5.01 -5.24 25.27
C ASP B 319 -3.62 -4.93 25.81
N VAL B 320 -2.85 -6.00 26.07
CA VAL B 320 -1.43 -5.89 26.36
C VAL B 320 -0.76 -5.58 25.02
N LEU B 321 0.26 -4.71 25.02
CA LEU B 321 1.00 -4.40 23.77
C LEU B 321 1.42 -5.69 23.08
N PRO B 322 0.92 -5.94 21.85
CA PRO B 322 1.26 -7.19 21.18
C PRO B 322 2.64 -7.19 20.54
N TYR B 323 3.38 -6.07 20.71
CA TYR B 323 4.77 -5.98 20.30
C TYR B 323 5.71 -5.66 21.47
N LYS B 324 6.87 -6.32 21.46
CA LYS B 324 8.00 -6.02 22.34
C LYS B 324 9.02 -5.16 21.58
N GLN B 325 9.89 -4.47 22.32
CA GLN B 325 10.84 -3.55 21.71
C GLN B 325 11.86 -4.27 20.83
N GLU B 326 12.27 -5.45 21.27
CA GLU B 326 13.24 -6.27 20.53
C GLU B 326 12.70 -6.68 19.17
N ASP B 327 11.39 -6.81 19.07
CA ASP B 327 10.71 -7.26 17.86
C ASP B 327 10.33 -6.14 16.88
N ILE B 328 10.60 -4.89 17.24
CA ILE B 328 10.30 -3.75 16.35
C ILE B 328 11.52 -3.38 15.51
N LYS B 329 11.37 -3.53 14.19
CA LYS B 329 12.39 -3.12 13.22
C LYS B 329 11.78 -2.14 12.22
N LEU B 330 12.48 -1.02 11.95
CA LEU B 330 12.18 -0.18 10.79
C LEU B 330 12.83 -0.78 9.55
N THR B 331 12.02 -1.12 8.54
CA THR B 331 12.52 -1.76 7.31
C THR B 331 12.30 -0.87 6.09
N GLY B 332 13.38 -0.59 5.37
CA GLY B 332 13.35 0.26 4.20
C GLY B 332 13.19 1.72 4.57
N HIS B 333 12.56 2.48 3.67
CA HIS B 333 12.44 3.92 3.81
C HIS B 333 11.11 4.39 3.26
N ALA B 334 10.43 5.26 4.02
CA ALA B 334 9.14 5.83 3.64
C ALA B 334 9.18 7.34 3.62
N ILE B 335 8.45 7.94 2.67
CA ILE B 335 8.29 9.39 2.58
C ILE B 335 6.82 9.71 2.41
N GLU B 336 6.27 10.55 3.27
CA GLU B 336 4.89 11.00 3.14
C GLU B 336 4.88 12.42 2.60
N PHE B 337 3.99 12.68 1.67
CA PHE B 337 3.81 13.99 1.08
C PHE B 337 2.41 14.48 1.39
N ARG B 338 2.29 15.60 2.10
CA ARG B 338 0.98 16.21 2.36
CA ARG B 338 1.01 16.21 2.38
C ARG B 338 0.54 17.04 1.17
N ILE B 339 -0.46 16.55 0.47
CA ILE B 339 -0.94 17.22 -0.74
C ILE B 339 -2.11 18.11 -0.39
N ASN B 340 -1.93 19.42 -0.47
CA ASN B 340 -2.99 20.38 -0.11
C ASN B 340 -3.60 21.10 -1.30
N ALA B 341 -4.75 21.72 -1.07
CA ALA B 341 -5.48 22.51 -2.07
C ALA B 341 -4.93 23.91 -2.08
N GLU B 342 -3.68 24.03 -2.53
CA GLU B 342 -3.00 25.31 -2.63
C GLU B 342 -2.22 25.35 -3.93
N ASN B 343 -2.08 26.55 -4.50
CA ASN B 343 -1.29 26.72 -5.73
C ASN B 343 0.17 27.10 -5.43
N PRO B 344 1.12 26.16 -5.58
CA PRO B 344 2.53 26.41 -5.28
C PRO B 344 3.20 27.41 -6.24
N TYR B 345 2.61 27.61 -7.41
CA TYR B 345 3.07 28.60 -8.37
C TYR B 345 2.53 30.00 -8.05
N LYS B 346 1.66 30.09 -7.05
CA LYS B 346 1.18 31.37 -6.52
C LYS B 346 1.45 31.50 -5.01
N ASN B 347 2.68 31.14 -4.61
CA ASN B 347 3.11 31.19 -3.21
C ASN B 347 2.11 30.47 -2.28
N PHE B 348 1.59 29.34 -2.75
CA PHE B 348 0.66 28.48 -2.00
C PHE B 348 -0.70 29.13 -1.68
N MET B 349 -1.13 30.03 -2.54
CA MET B 349 -2.49 30.57 -2.47
C MET B 349 -3.49 29.40 -2.35
N PRO B 350 -4.49 29.51 -1.44
CA PRO B 350 -5.52 28.45 -1.35
C PRO B 350 -6.37 28.35 -2.62
N SER B 351 -6.73 27.12 -2.98
CA SER B 351 -7.48 26.87 -4.21
C SER B 351 -8.81 26.17 -3.93
N PRO B 352 -9.84 26.97 -3.58
CA PRO B 352 -11.18 26.44 -3.37
C PRO B 352 -11.84 26.00 -4.66
N GLY B 353 -12.73 25.01 -4.56
CA GLY B 353 -13.47 24.55 -5.73
C GLY B 353 -13.92 23.10 -5.68
N LYS B 354 -14.67 22.72 -6.71
CA LYS B 354 -15.09 21.35 -6.93
C LYS B 354 -13.97 20.60 -7.63
N ILE B 355 -13.61 19.45 -7.07
CA ILE B 355 -12.70 18.51 -7.72
C ILE B 355 -13.48 17.79 -8.83
N GLU B 356 -13.01 17.93 -10.07
CA GLU B 356 -13.75 17.42 -11.23
C GLU B 356 -13.25 16.06 -11.70
N GLN B 357 -11.99 15.77 -11.37
CA GLN B 357 -11.40 14.48 -11.64
C GLN B 357 -10.41 14.18 -10.51
N TYR B 358 -10.49 12.98 -9.95
CA TYR B 358 -9.60 12.54 -8.89
C TYR B 358 -9.16 11.12 -9.21
N LEU B 359 -7.87 10.94 -9.45
CA LEU B 359 -7.35 9.61 -9.76
C LEU B 359 -6.12 9.32 -8.92
N ALA B 360 -6.33 8.46 -7.95
CA ALA B 360 -5.33 8.05 -6.98
C ALA B 360 -4.39 7.03 -7.63
N PRO B 361 -3.08 7.29 -7.56
CA PRO B 361 -2.18 6.26 -8.07
C PRO B 361 -2.16 5.03 -7.15
N GLY B 362 -1.68 3.92 -7.70
CA GLY B 362 -1.49 2.70 -6.94
C GLY B 362 -0.15 2.12 -7.26
N GLY B 363 -0.06 0.80 -7.21
CA GLY B 363 1.19 0.10 -7.54
C GLY B 363 2.02 -0.20 -6.32
N TYR B 364 3.21 -0.72 -6.56
CA TYR B 364 4.14 -1.12 -5.51
C TYR B 364 4.57 0.04 -4.59
N GLY B 365 4.47 -0.19 -3.28
CA GLY B 365 4.97 0.74 -2.27
C GLY B 365 4.10 1.96 -1.98
N VAL B 366 3.01 2.12 -2.71
CA VAL B 366 2.15 3.29 -2.63
C VAL B 366 0.96 3.05 -1.66
N ARG B 367 0.65 4.11 -0.90
CA ARG B 367 -0.47 4.12 0.02
C ARG B 367 -1.05 5.53 -0.01
N ILE B 368 -2.33 5.63 -0.34
CA ILE B 368 -3.03 6.93 -0.41
C ILE B 368 -3.94 7.08 0.80
N GLU B 369 -3.86 8.23 1.45
CA GLU B 369 -4.76 8.58 2.55
C GLU B 369 -5.54 9.83 2.16
N SER B 370 -6.83 9.66 1.92
CA SER B 370 -7.70 10.74 1.45
C SER B 370 -9.18 10.54 1.80
N ALA B 371 -9.89 11.64 1.93
CA ALA B 371 -11.36 11.62 2.00
C ALA B 371 -11.95 12.32 0.77
N CYS B 372 -11.12 12.59 -0.24
CA CYS B 372 -11.56 13.34 -1.41
C CYS B 372 -12.02 12.37 -2.49
N TYR B 373 -12.87 12.86 -3.38
CA TYR B 373 -13.40 12.05 -4.46
C TYR B 373 -13.92 12.97 -5.55
N THR B 374 -14.20 12.40 -6.71
CA THR B 374 -14.71 13.13 -7.86
C THR B 374 -16.05 13.82 -7.54
N ASN B 375 -16.06 15.13 -7.74
CA ASN B 375 -17.20 16.04 -7.49
C ASN B 375 -17.29 16.51 -6.05
N TYR B 376 -16.34 16.08 -5.25
CA TYR B 376 -16.23 16.56 -3.88
C TYR B 376 -15.69 17.99 -3.88
N THR B 377 -16.20 18.80 -2.95
CA THR B 377 -15.70 20.15 -2.73
C THR B 377 -15.20 20.25 -1.29
N ILE B 378 -13.90 20.51 -1.14
CA ILE B 378 -13.29 20.68 0.17
C ILE B 378 -13.74 22.01 0.77
N PRO B 379 -14.46 21.97 1.90
CA PRO B 379 -14.92 23.23 2.49
C PRO B 379 -13.77 24.10 2.97
N PRO B 380 -13.82 25.41 2.71
CA PRO B 380 -12.71 26.26 3.09
C PRO B 380 -12.73 26.67 4.57
N TYR B 381 -13.21 25.80 5.46
CA TYR B 381 -13.36 26.18 6.88
C TYR B 381 -12.42 25.43 7.84
N TYR B 382 -11.73 24.42 7.32
CA TYR B 382 -10.95 23.49 8.14
C TYR B 382 -9.59 23.22 7.47
N ASP B 383 -8.80 22.29 8.04
CA ASP B 383 -7.44 21.92 7.54
C ASP B 383 -7.47 21.32 6.13
N SER B 384 -6.80 22.01 5.19
CA SER B 384 -7.09 21.90 3.75
C SER B 384 -6.38 20.78 2.97
N MET B 385 -6.49 19.54 3.46
CA MET B 385 -5.81 18.41 2.82
C MET B 385 -6.59 17.79 1.66
N VAL B 386 -5.88 17.36 0.64
CA VAL B 386 -6.48 16.59 -0.44
C VAL B 386 -6.21 15.11 -0.16
N ALA B 387 -4.93 14.80 0.02
CA ALA B 387 -4.48 13.45 0.27
C ALA B 387 -3.11 13.48 0.91
N LYS B 388 -2.81 12.45 1.68
CA LYS B 388 -1.43 12.11 1.99
C LYS B 388 -1.04 10.96 1.07
N LEU B 389 0.14 11.09 0.47
CA LEU B 389 0.72 10.04 -0.35
C LEU B 389 1.94 9.53 0.36
N ILE B 390 1.97 8.23 0.63
CA ILE B 390 3.13 7.61 1.23
C ILE B 390 3.75 6.62 0.24
N ILE B 391 5.06 6.74 0.06
CA ILE B 391 5.85 5.79 -0.72
C ILE B 391 6.82 5.05 0.20
N HIS B 392 6.79 3.72 0.16
CA HIS B 392 7.71 2.89 0.94
C HIS B 392 8.55 2.01 0.00
N GLU B 393 9.86 2.24 0.00
CA GLU B 393 10.82 1.48 -0.83
C GLU B 393 11.93 0.91 0.06
N PRO B 394 12.78 0.02 -0.49
CA PRO B 394 13.92 -0.53 0.27
C PRO B 394 14.99 0.49 0.67
N THR B 395 15.10 1.59 -0.08
CA THR B 395 16.14 2.59 0.14
C THR B 395 15.55 3.96 -0.09
N ARG B 396 16.25 4.99 0.35
CA ARG B 396 15.76 6.36 0.18
C ARG B 396 15.73 6.78 -1.28
N ASP B 397 16.83 6.54 -1.99
CA ASP B 397 16.92 6.85 -3.43
C ASP B 397 15.78 6.18 -4.19
N GLU B 398 15.49 4.92 -3.85
CA GLU B 398 14.36 4.21 -4.46
C GLU B 398 13.01 4.86 -4.15
N ALA B 399 12.84 5.32 -2.91
CA ALA B 399 11.63 5.98 -2.45
C ALA B 399 11.39 7.28 -3.22
N ILE B 400 12.47 8.04 -3.39
CA ILE B 400 12.45 9.28 -4.15
C ILE B 400 12.00 9.04 -5.60
N MET B 401 12.60 8.06 -6.25
CA MET B 401 12.24 7.74 -7.63
C MET B 401 10.77 7.28 -7.72
N ALA B 402 10.37 6.41 -6.79
CA ALA B 402 9.02 5.84 -6.78
C ALA B 402 7.94 6.87 -6.47
N GLY B 403 8.29 7.87 -5.63
CA GLY B 403 7.42 9.00 -5.34
C GLY B 403 7.20 9.97 -6.48
N ILE B 404 8.24 10.23 -7.28
CA ILE B 404 8.06 10.98 -8.52
C ILE B 404 7.09 10.22 -9.43
N ARG B 405 7.33 8.92 -9.58
CA ARG B 405 6.44 8.06 -10.36
C ARG B 405 4.97 8.20 -9.90
N ALA B 406 4.75 8.02 -8.60
CA ALA B 406 3.40 8.06 -8.01
C ALA B 406 2.76 9.45 -8.09
N LEU B 407 3.50 10.48 -7.68
CA LEU B 407 3.01 11.85 -7.77
C LEU B 407 2.72 12.32 -9.20
N SER B 408 3.49 11.81 -10.16
CA SER B 408 3.40 12.24 -11.55
C SER B 408 2.16 11.76 -12.27
N GLU B 409 1.52 10.71 -11.74
CA GLU B 409 0.25 10.21 -12.27
C GLU B 409 -0.95 10.48 -11.33
N PHE B 410 -0.72 11.12 -10.19
CA PHE B 410 -1.82 11.52 -9.31
C PHE B 410 -2.59 12.70 -9.95
N VAL B 411 -3.80 12.42 -10.46
CA VAL B 411 -4.63 13.44 -11.12
C VAL B 411 -5.67 14.02 -10.16
N VAL B 412 -5.64 15.33 -10.03
CA VAL B 412 -6.62 16.08 -9.25
C VAL B 412 -6.91 17.34 -10.06
N LEU B 413 -8.04 17.33 -10.79
CA LEU B 413 -8.42 18.47 -11.64
C LEU B 413 -9.55 19.28 -11.02
N GLY B 414 -9.56 20.59 -11.29
CA GLY B 414 -10.62 21.46 -10.79
C GLY B 414 -10.18 22.39 -9.68
N ILE B 415 -9.20 21.94 -8.90
CA ILE B 415 -8.50 22.79 -7.96
C ILE B 415 -7.01 22.61 -8.24
N ASP B 416 -6.21 23.64 -7.93
CA ASP B 416 -4.76 23.49 -7.90
C ASP B 416 -4.37 22.76 -6.63
N THR B 417 -3.33 21.94 -6.69
CA THR B 417 -2.80 21.22 -5.52
C THR B 417 -1.29 21.44 -5.43
N THR B 418 -0.68 20.93 -4.36
CA THR B 418 0.75 21.08 -4.14
C THR B 418 1.59 19.92 -4.70
N ILE B 419 0.95 18.99 -5.42
CA ILE B 419 1.68 17.92 -6.14
C ILE B 419 2.92 18.43 -6.90
N PRO B 420 2.77 19.48 -7.72
CA PRO B 420 3.96 20.00 -8.43
C PRO B 420 5.13 20.44 -7.53
N PHE B 421 4.87 20.89 -6.30
CA PHE B 421 5.91 21.25 -5.34
C PHE B 421 6.69 20.02 -4.86
N HIS B 422 5.99 18.91 -4.60
CA HIS B 422 6.62 17.68 -4.15
C HIS B 422 7.44 17.00 -5.24
N ILE B 423 6.98 17.09 -6.48
CA ILE B 423 7.78 16.64 -7.62
C ILE B 423 9.05 17.51 -7.76
N LYS B 424 8.94 18.82 -7.63
CA LYS B 424 10.16 19.67 -7.65
C LYS B 424 11.11 19.40 -6.46
N LEU B 425 10.53 19.12 -5.29
CA LEU B 425 11.32 18.73 -4.11
C LEU B 425 12.13 17.48 -4.35
N LEU B 426 11.49 16.46 -4.94
CA LEU B 426 12.12 15.16 -5.16
C LEU B 426 13.21 15.21 -6.23
N ASN B 427 13.16 16.22 -7.10
CA ASN B 427 14.23 16.44 -8.10
C ASN B 427 15.31 17.43 -7.64
N ASN B 428 15.27 17.85 -6.38
CA ASN B 428 16.22 18.80 -5.84
C ASN B 428 17.46 18.08 -5.29
N ASP B 429 18.63 18.57 -5.66
CA ASP B 429 19.89 17.88 -5.32
C ASP B 429 20.21 17.93 -3.83
N ILE B 430 19.90 19.06 -3.19
CA ILE B 430 20.10 19.20 -1.74
C ILE B 430 19.19 18.21 -0.98
N PHE B 431 17.90 18.22 -1.30
CA PHE B 431 16.95 17.29 -0.68
C PHE B 431 17.42 15.85 -0.85
N ARG B 432 17.86 15.53 -2.06
CA ARG B 432 18.41 14.21 -2.40
C ARG B 432 19.67 13.85 -1.62
N SER B 433 20.54 14.83 -1.40
CA SER B 433 21.72 14.63 -0.56
C SER B 433 21.31 14.18 0.85
N GLY B 434 20.10 14.58 1.25
CA GLY B 434 19.60 14.29 2.58
C GLY B 434 20.13 15.24 3.64
N LYS B 435 20.96 16.21 3.23
CA LYS B 435 21.58 17.15 4.17
C LYS B 435 20.97 18.54 4.07
N PHE B 436 20.20 18.90 5.09
CA PHE B 436 19.56 20.20 5.20
C PHE B 436 18.99 20.31 6.61
N ASN B 437 18.47 21.49 6.96
CA ASN B 437 17.83 21.72 8.25
C ASN B 437 16.43 22.29 8.05
N THR B 438 15.77 22.69 9.14
CA THR B 438 14.37 23.17 9.08
C THR B 438 14.10 24.42 8.22
N ASN B 439 15.12 25.21 7.92
CA ASN B 439 14.96 26.39 7.07
C ASN B 439 15.22 26.08 5.59
N PHE B 440 15.14 24.82 5.17
CA PHE B 440 15.46 24.44 3.79
C PHE B 440 14.63 25.21 2.78
N LEU B 441 13.30 25.19 2.92
CA LEU B 441 12.40 25.87 1.97
C LEU B 441 12.44 27.39 2.13
N GLU B 442 13.09 27.88 3.18
CA GLU B 442 13.19 29.31 3.43
C GLU B 442 14.45 29.90 2.82
N GLN B 443 15.50 29.08 2.73
CA GLN B 443 16.75 29.46 2.10
C GLN B 443 16.79 29.06 0.61
N ASN B 444 15.88 28.17 0.21
CA ASN B 444 15.82 27.69 -1.16
C ASN B 444 14.47 28.02 -1.77
N SER B 445 14.42 28.08 -3.09
CA SER B 445 13.17 28.36 -3.79
C SER B 445 12.89 27.26 -4.80
N ILE B 446 12.31 26.17 -4.30
CA ILE B 446 12.04 24.94 -5.05
C ILE B 446 11.27 25.16 -6.35
N MET B 447 10.32 26.08 -6.34
CA MET B 447 9.39 26.26 -7.47
C MET B 447 10.05 26.86 -8.73
N ASN B 448 11.19 27.52 -8.57
CA ASN B 448 11.98 27.99 -9.71
C ASN B 448 12.79 26.88 -10.37
N ASP B 449 13.02 25.79 -9.65
CA ASP B 449 13.91 24.71 -10.11
C ASP B 449 13.41 24.13 -11.43
PG ANP C . -2.55 -20.99 -17.39
O1G ANP C . -2.32 -21.18 -15.91
O2G ANP C . -1.26 -21.08 -18.18
O3G ANP C . -3.32 -19.74 -17.71
PB ANP C . -3.17 -23.42 -18.80
O1B ANP C . -1.69 -23.42 -19.10
O2B ANP C . -4.13 -23.46 -19.95
N3B ANP C . -3.55 -22.17 -17.85
PA ANP C . -2.91 -25.50 -16.77
O1A ANP C . -2.13 -26.75 -17.07
O2A ANP C . -2.42 -24.45 -15.80
O3A ANP C . -3.51 -24.83 -18.10
O5' ANP C . -4.26 -26.04 -16.10
C5' ANP C . -5.37 -25.17 -15.89
C4' ANP C . -6.17 -25.65 -14.68
O4' ANP C . -6.77 -26.93 -14.93
C3' ANP C . -5.32 -25.82 -13.43
O3' ANP C . -5.13 -24.61 -12.71
C2' ANP C . -6.08 -26.85 -12.65
O2' ANP C . -7.12 -26.21 -11.88
C1' ANP C . -6.66 -27.72 -13.76
N9 ANP C . -5.77 -28.87 -14.00
C8 ANP C . -4.74 -28.97 -14.88
N7 ANP C . -4.15 -30.19 -14.81
C5 ANP C . -4.82 -30.90 -13.88
C6 ANP C . -4.76 -32.25 -13.31
N6 ANP C . -3.83 -33.12 -13.70
N1 ANP C . -5.67 -32.59 -12.36
C2 ANP C . -6.60 -31.73 -11.93
N3 ANP C . -6.74 -30.49 -12.41
C4 ANP C . -5.88 -30.03 -13.36
MG MG D . -1.50 -22.69 -14.99
MG MG E . -0.06 -22.22 -18.78
CL CL F . -1.41 -14.63 -15.12
PG ANP G . 2.22 20.99 17.30
O1G ANP G . 1.55 20.55 18.58
O2G ANP G . 1.24 21.05 16.14
O3G ANP G . 3.44 20.17 16.95
PB ANP G . 2.82 23.38 18.82
O1B ANP G . 2.61 22.46 20.00
O2B ANP G . 1.98 24.61 18.76
N3B ANP G . 2.67 22.55 17.45
PA ANP G . 5.75 23.36 18.98
O1A ANP G . 6.38 23.42 20.35
O2A ANP G . 5.70 22.02 18.29
O3A ANP G . 4.29 24.05 18.97
O5' ANP G . 6.56 24.38 18.05
C5' ANP G . 6.23 24.51 16.66
C4' ANP G . 7.46 24.64 15.76
O4' ANP G . 8.19 25.81 16.11
C3' ANP G . 8.45 23.50 15.86
O3' ANP G . 8.14 22.37 15.06
C2' ANP G . 9.75 24.17 15.43
O2' ANP G . 9.92 24.19 14.00
C1' ANP G . 9.58 25.58 15.97
N9 ANP G . 10.21 25.62 17.31
C8 ANP G . 9.65 25.29 18.48
N7 ANP G . 10.53 25.43 19.49
C5 ANP G . 11.69 25.87 18.97
C6 ANP G . 13.03 26.25 19.48
N6 ANP G . 13.31 26.18 20.79
N1 ANP G . 13.95 26.67 18.58
C2 ANP G . 13.66 26.75 17.27
N3 ANP G . 12.47 26.43 16.75
C4 ANP G . 11.47 25.99 17.53
MG MG H . 5.24 20.29 17.52
MG MG I . 1.95 20.70 20.28
CL CL J . -0.87 16.10 13.71
#